data_9KEO
#
_entry.id   9KEO
#
_cell.length_a   160.820
_cell.length_b   160.820
_cell.length_c   129.790
_cell.angle_alpha   90.00
_cell.angle_beta   90.00
_cell.angle_gamma   120.00
#
_symmetry.space_group_name_H-M   'P 65'
#
loop_
_entity.id
_entity.type
_entity.pdbx_description
1 polymer 'Nicotinamide phosphoribosyltransferase'
2 non-polymer NICOTINAMIDE
3 water water
#
_entity_poly.entity_id   1
_entity_poly.type   'polypeptide(L)'
_entity_poly.pdbx_seq_one_letter_code
;MDNLLNYSSRASAIPSLLCDFYKTSHRIMYPECSQIIYSTFTPRSNEQAPYLTQVVSFGFQAFIIKYLIHYFNDNFFSRD
KHDVVTEYSAFIEKTLQLEDTGEHIAKLHELGYLPIRIKAIPEGKTVAIKVPVMTIENTHSDFFWLTNYLETLINVSLWQ
PMTSASIAFAYRTALIKFANETCDNQEHVPFQSHDFSMRGMSSLESAETSGAGHLTSFLGTDTIPALSFVEAYYGSSSLI
GTSIPASEHSVMSSHGVDELSTFRYLMAKFPHNMLSIVSDTTDFWHNITVNLPLLKQEIIARPENARLVIRPDSGNFFAI
ICGDPTADTEHERKGLIECLWDIFGGTVNQKGYKVINPHIGAIYGDGVTYEKMFKILEGLQAKGFASSNIVFGVGAQTYQ
RNTRDTLGFALKATSITINGEEKAIFKNPKTDDGFKKSQKGRVKVLSRDTYVDGLTSADDFSDDLLELLFEDGKLLRQTD
FDEIRQNLLVSRTTL
;
_entity_poly.pdbx_strand_id   A,B
#
# COMPACT_ATOMS: atom_id res chain seq x y z
N LEU A 5 20.60 6.27 9.28
CA LEU A 5 20.30 5.26 8.25
C LEU A 5 21.36 4.14 8.13
N ASN A 6 21.68 3.45 9.23
CA ASN A 6 22.83 2.55 9.24
C ASN A 6 22.44 1.09 9.02
N TYR A 7 21.21 0.84 8.60
CA TYR A 7 20.78 -0.48 8.16
C TYR A 7 20.61 -0.48 6.65
N SER A 8 20.34 -1.65 6.10
CA SER A 8 20.11 -1.76 4.67
C SER A 8 19.29 -3.02 4.43
N SER A 9 18.40 -2.95 3.44
CA SER A 9 17.63 -4.10 3.00
C SER A 9 18.07 -4.49 1.58
N ARG A 10 17.96 -5.77 1.25
CA ARG A 10 18.35 -6.22 -0.08
C ARG A 10 17.30 -5.87 -1.13
N ALA A 11 17.77 -5.38 -2.27
CA ALA A 11 16.88 -4.81 -3.28
C ALA A 11 17.00 -5.56 -4.60
N SER A 12 15.90 -5.52 -5.32
CA SER A 12 15.69 -6.20 -6.59
C SER A 12 15.48 -5.25 -7.76
N ALA A 13 15.02 -4.01 -7.51
CA ALA A 13 14.64 -3.09 -8.58
C ALA A 13 15.87 -2.58 -9.32
N ILE A 14 15.85 -2.69 -10.64
CA ILE A 14 16.96 -2.22 -11.46
C ILE A 14 16.80 -0.72 -11.61
N PRO A 15 17.79 0.08 -11.19
CA PRO A 15 17.65 1.54 -11.29
C PRO A 15 17.18 2.02 -12.65
N SER A 16 17.75 1.50 -13.74
CA SER A 16 17.41 2.03 -15.05
C SER A 16 16.15 1.42 -15.65
N LEU A 17 15.50 0.49 -14.97
CA LEU A 17 14.23 -0.10 -15.40
C LEU A 17 13.23 -0.04 -14.28
N LEU A 18 13.24 1.07 -13.57
CA LEU A 18 12.44 1.22 -12.38
C LEU A 18 11.18 2.01 -12.73
N CYS A 19 10.32 1.42 -13.55
CA CYS A 19 9.26 2.21 -14.18
C CYS A 19 8.18 1.30 -14.74
N ASP A 20 7.07 1.92 -15.15
CA ASP A 20 6.13 1.23 -16.04
C ASP A 20 6.87 0.78 -17.30
N PHE A 21 6.60 -0.45 -17.72
CA PHE A 21 7.31 -0.99 -18.89
C PHE A 21 7.23 -0.06 -20.08
N TYR A 22 6.06 0.48 -20.38
CA TYR A 22 5.87 1.16 -21.65
C TYR A 22 6.71 2.43 -21.71
N LYS A 23 7.17 2.91 -20.57
CA LYS A 23 8.07 4.06 -20.55
C LYS A 23 9.37 3.73 -21.28
N THR A 24 9.76 2.46 -21.33
CA THR A 24 10.97 2.13 -22.07
C THR A 24 10.78 2.36 -23.57
N SER A 25 9.56 2.21 -24.08
CA SER A 25 9.32 2.40 -25.49
C SER A 25 9.12 3.87 -25.88
N HIS A 26 9.14 4.79 -24.90
CA HIS A 26 8.73 6.16 -25.17
C HIS A 26 9.85 7.04 -25.73
N ARG A 27 11.12 6.73 -25.42
CA ARG A 27 12.22 7.59 -25.88
C ARG A 27 12.22 7.76 -27.40
N ILE A 28 12.05 6.67 -28.15
CA ILE A 28 12.09 6.76 -29.61
C ILE A 28 10.76 7.20 -30.19
N MET A 29 9.70 7.27 -29.35
CA MET A 29 8.41 7.77 -29.78
C MET A 29 8.31 9.29 -29.80
N TYR A 30 9.15 10.00 -29.05
CA TYR A 30 9.03 11.45 -29.01
C TYR A 30 9.51 12.06 -30.31
N PRO A 31 9.03 13.27 -30.64
CA PRO A 31 9.47 13.90 -31.87
C PRO A 31 10.98 14.08 -31.85
N GLU A 32 11.53 14.15 -33.05
CA GLU A 32 12.96 14.33 -33.15
C GLU A 32 13.31 15.78 -32.74
N CYS A 33 14.46 15.95 -32.06
CA CYS A 33 14.92 17.20 -31.47
C CYS A 33 14.12 17.59 -30.22
N SER A 34 13.54 16.61 -29.53
CA SER A 34 12.97 16.84 -28.20
C SER A 34 14.09 17.09 -27.21
N GLN A 35 13.94 18.10 -26.34
CA GLN A 35 15.05 18.44 -25.45
C GLN A 35 14.65 18.47 -23.98
N ILE A 36 13.52 19.09 -23.66
CA ILE A 36 13.11 19.26 -22.26
C ILE A 36 11.67 18.78 -22.14
N ILE A 37 11.42 17.92 -21.15
CA ILE A 37 10.07 17.61 -20.73
C ILE A 37 9.88 18.16 -19.32
N TYR A 38 8.77 18.87 -19.12
CA TYR A 38 8.42 19.50 -17.84
C TYR A 38 7.08 18.95 -17.34
N SER A 39 7.07 18.45 -16.11
CA SER A 39 5.88 17.80 -15.56
C SER A 39 5.48 18.39 -14.20
N THR A 40 4.18 18.23 -13.86
CA THR A 40 3.62 18.73 -12.60
C THR A 40 2.91 17.59 -11.87
N PHE A 41 2.98 17.62 -10.54
CA PHE A 41 2.32 16.68 -9.65
C PHE A 41 1.21 17.42 -8.90
N THR A 42 -0.04 17.03 -9.11
CA THR A 42 -1.18 17.83 -8.68
C THR A 42 -2.26 16.96 -8.04
N PRO A 43 -2.74 17.33 -6.84
CA PRO A 43 -3.93 16.65 -6.29
C PRO A 43 -5.19 17.29 -6.84
N ARG A 44 -5.78 16.66 -7.86
CA ARG A 44 -6.78 17.34 -8.67
C ARG A 44 -8.19 17.33 -8.08
N SER A 45 -8.52 16.42 -7.17
CA SER A 45 -9.91 16.36 -6.73
C SER A 45 -10.02 15.63 -5.40
N ASN A 46 -10.92 16.10 -4.55
CA ASN A 46 -11.23 15.41 -3.30
C ASN A 46 -12.69 14.98 -3.29
N GLU A 47 -13.27 14.81 -4.48
CA GLU A 47 -14.64 14.33 -4.59
C GLU A 47 -14.80 13.01 -3.85
N GLN A 48 -13.80 12.13 -3.91
CA GLN A 48 -13.86 10.87 -3.18
C GLN A 48 -13.68 11.04 -1.67
N ALA A 49 -13.27 12.22 -1.17
CA ALA A 49 -13.11 12.43 0.26
C ALA A 49 -13.25 13.91 0.61
N PRO A 50 -14.47 14.45 0.61
CA PRO A 50 -14.64 15.90 0.80
C PRO A 50 -14.09 16.42 2.12
N TYR A 51 -13.89 15.55 3.11
CA TYR A 51 -13.31 16.08 4.34
C TYR A 51 -11.86 16.51 4.17
N LEU A 52 -11.18 16.08 3.11
CA LEU A 52 -9.80 16.52 2.86
C LEU A 52 -9.88 17.78 2.01
N THR A 53 -9.96 18.93 2.68
CA THR A 53 -10.06 20.19 1.96
C THR A 53 -8.71 20.87 1.74
N GLN A 54 -7.68 20.38 2.38
CA GLN A 54 -6.33 20.92 2.31
C GLN A 54 -5.34 19.78 2.04
N VAL A 55 -4.37 20.03 1.19
CA VAL A 55 -3.31 19.06 0.94
C VAL A 55 -2.06 19.49 1.70
N VAL A 56 -1.56 18.59 2.55
CA VAL A 56 -0.34 18.85 3.31
C VAL A 56 0.83 18.38 2.47
N SER A 57 1.76 19.28 2.18
CA SER A 57 2.97 18.89 1.47
C SER A 57 3.84 18.05 2.40
N PHE A 58 4.05 16.77 2.07
CA PHE A 58 4.95 15.99 2.90
C PHE A 58 5.50 14.79 2.14
N GLY A 59 6.79 14.52 2.33
CA GLY A 59 7.43 13.33 1.80
C GLY A 59 8.57 13.57 0.82
N PHE A 60 8.72 14.78 0.29
CA PHE A 60 9.69 15.02 -0.77
C PHE A 60 11.11 14.77 -0.30
N GLN A 61 11.49 15.34 0.83
CA GLN A 61 12.86 15.23 1.29
C GLN A 61 13.31 13.79 1.38
N ALA A 62 12.50 12.95 2.04
CA ALA A 62 12.84 11.54 2.20
C ALA A 62 12.97 10.85 0.85
N PHE A 63 12.00 11.09 -0.05
CA PHE A 63 12.01 10.47 -1.36
C PHE A 63 13.28 10.83 -2.14
N ILE A 64 13.62 12.12 -2.15
CA ILE A 64 14.83 12.58 -2.83
C ILE A 64 16.05 11.82 -2.30
N ILE A 65 16.19 11.76 -0.98
CA ILE A 65 17.38 11.17 -0.36
C ILE A 65 17.42 9.66 -0.59
N LYS A 66 16.33 8.96 -0.27
CA LYS A 66 16.33 7.51 -0.37
C LYS A 66 16.55 7.05 -1.81
N TYR A 67 15.81 7.62 -2.76
CA TYR A 67 15.76 7.11 -4.13
C TYR A 67 16.63 7.92 -5.09
N LEU A 68 16.36 9.22 -5.25
CA LEU A 68 17.03 9.99 -6.31
C LEU A 68 18.51 10.14 -6.03
N ILE A 69 18.90 10.10 -4.76
CA ILE A 69 20.30 10.22 -4.39
C ILE A 69 20.83 8.82 -4.09
N HIS A 70 20.41 8.27 -2.95
CA HIS A 70 21.07 7.07 -2.45
C HIS A 70 20.89 5.87 -3.36
N TYR A 71 19.64 5.58 -3.76
CA TYR A 71 19.42 4.36 -4.55
C TYR A 71 20.15 4.45 -5.88
N PHE A 72 20.15 5.61 -6.52
CA PHE A 72 20.82 5.73 -7.81
C PHE A 72 22.33 5.76 -7.64
N ASN A 73 22.82 6.40 -6.58
CA ASN A 73 24.24 6.40 -6.31
C ASN A 73 24.73 5.00 -5.93
N ASP A 74 24.00 4.33 -5.04
CA ASP A 74 24.41 3.01 -4.57
C ASP A 74 24.38 1.97 -5.70
N ASN A 75 23.35 2.01 -6.53
CA ASN A 75 23.04 0.91 -7.43
C ASN A 75 23.21 1.23 -8.91
N PHE A 76 23.50 2.47 -9.26
CA PHE A 76 23.67 2.79 -10.67
C PHE A 76 24.99 3.54 -10.87
N PHE A 77 25.09 4.77 -10.34
CA PHE A 77 26.27 5.58 -10.66
C PHE A 77 27.55 4.98 -10.09
N SER A 78 27.49 4.33 -8.93
CA SER A 78 28.69 3.71 -8.39
C SER A 78 29.04 2.40 -9.10
N ARG A 79 28.12 1.81 -9.85
CA ARG A 79 28.35 0.52 -10.50
C ARG A 79 29.20 0.68 -11.78
N ASP A 80 29.45 -0.45 -12.45
CA ASP A 80 30.39 -0.56 -13.55
C ASP A 80 30.13 0.41 -14.71
N LYS A 81 29.06 0.15 -15.44
CA LYS A 81 28.56 0.89 -16.60
C LYS A 81 28.36 -0.10 -17.71
N HIS A 82 29.41 -0.86 -18.03
CA HIS A 82 29.24 -1.93 -18.98
C HIS A 82 28.21 -2.92 -18.48
N ASP A 83 28.34 -3.29 -17.20
CA ASP A 83 27.37 -4.18 -16.57
C ASP A 83 26.00 -3.54 -16.48
N VAL A 84 25.95 -2.27 -16.09
CA VAL A 84 24.66 -1.59 -15.96
C VAL A 84 23.98 -1.46 -17.33
N VAL A 85 24.75 -1.10 -18.37
CA VAL A 85 24.18 -0.94 -19.70
C VAL A 85 23.81 -2.28 -20.31
N THR A 86 24.66 -3.29 -20.10
CA THR A 86 24.39 -4.61 -20.66
C THR A 86 23.13 -5.22 -20.07
N GLU A 87 22.91 -5.00 -18.77
CA GLU A 87 21.69 -5.48 -18.14
C GLU A 87 20.46 -4.86 -18.80
N TYR A 88 20.51 -3.55 -19.06
CA TYR A 88 19.39 -2.85 -19.70
C TYR A 88 19.16 -3.38 -21.11
N SER A 89 20.21 -3.48 -21.92
CA SER A 89 20.07 -3.97 -23.29
C SER A 89 19.47 -5.36 -23.31
N ALA A 90 19.98 -6.26 -22.44
CA ALA A 90 19.51 -7.63 -22.41
C ALA A 90 18.04 -7.70 -22.03
N PHE A 91 17.58 -6.86 -21.07
CA PHE A 91 16.18 -6.86 -20.72
C PHE A 91 15.33 -6.39 -21.89
N ILE A 92 15.73 -5.28 -22.52
CA ILE A 92 15.01 -4.80 -23.68
C ILE A 92 14.99 -5.87 -24.76
N GLU A 93 16.06 -6.67 -24.85
CA GLU A 93 16.22 -7.72 -25.85
C GLU A 93 15.23 -8.87 -25.67
N LYS A 94 15.16 -9.38 -24.42
CA LYS A 94 14.20 -10.39 -23.99
C LYS A 94 12.77 -9.97 -24.28
N THR A 95 12.39 -8.78 -23.83
CA THR A 95 11.00 -8.39 -23.69
C THR A 95 10.41 -7.64 -24.86
N LEU A 96 11.21 -7.00 -25.73
CA LEU A 96 10.68 -6.30 -26.89
C LEU A 96 11.19 -6.85 -28.21
N GLN A 97 12.11 -7.78 -28.17
CA GLN A 97 12.87 -8.20 -29.33
C GLN A 97 13.16 -6.95 -30.16
N LEU A 98 13.95 -6.07 -29.53
CA LEU A 98 14.33 -4.82 -30.12
C LEU A 98 15.78 -4.65 -29.69
N GLU A 99 16.61 -4.05 -30.52
CA GLU A 99 18.02 -3.90 -30.17
C GLU A 99 18.28 -2.45 -29.75
N ASP A 100 18.32 -2.21 -28.43
CA ASP A 100 18.59 -0.91 -27.83
C ASP A 100 19.98 -0.96 -27.23
N THR A 101 20.91 -0.17 -27.80
CA THR A 101 22.29 -0.23 -27.36
C THR A 101 22.48 0.28 -25.94
N GLY A 102 21.49 0.98 -25.38
CA GLY A 102 21.63 1.53 -24.04
C GLY A 102 22.56 2.70 -23.96
N GLU A 103 22.77 3.41 -25.08
CA GLU A 103 23.67 4.55 -25.07
C GLU A 103 23.18 5.63 -24.12
N HIS A 104 21.86 5.86 -24.09
CA HIS A 104 21.30 6.90 -23.21
C HIS A 104 21.54 6.55 -21.75
N ILE A 105 21.50 5.26 -21.40
CA ILE A 105 21.86 4.83 -20.05
C ILE A 105 23.33 5.11 -19.78
N ALA A 106 24.20 4.80 -20.77
CA ALA A 106 25.62 5.08 -20.59
C ALA A 106 25.89 6.58 -20.43
N LYS A 107 25.23 7.41 -21.24
CA LYS A 107 25.39 8.85 -21.13
C LYS A 107 24.98 9.34 -19.74
N LEU A 108 23.88 8.80 -19.20
CA LEU A 108 23.50 9.11 -17.83
C LEU A 108 24.60 8.73 -16.86
N HIS A 109 25.12 7.51 -16.99
CA HIS A 109 26.17 7.03 -16.10
C HIS A 109 27.42 7.90 -16.19
N GLU A 110 27.86 8.23 -17.41
CA GLU A 110 28.99 9.13 -17.56
C GLU A 110 28.70 10.48 -16.92
N LEU A 111 27.44 10.89 -16.89
CA LEU A 111 27.13 12.18 -16.29
C LEU A 111 27.36 12.16 -14.78
N GLY A 112 27.08 11.03 -14.11
CA GLY A 112 27.32 10.95 -12.69
C GLY A 112 26.19 11.45 -11.81
N TYR A 113 25.16 12.05 -12.37
CA TYR A 113 24.06 12.57 -11.56
C TYR A 113 22.80 12.57 -12.43
N LEU A 114 21.66 12.73 -11.78
CA LEU A 114 20.42 12.86 -12.52
C LEU A 114 20.29 14.29 -13.02
N PRO A 115 20.30 14.54 -14.35
CA PRO A 115 20.10 15.90 -14.86
C PRO A 115 18.67 16.38 -14.64
N ILE A 116 18.30 16.56 -13.38
CA ILE A 116 16.92 16.74 -12.96
C ILE A 116 16.81 17.93 -12.00
N ARG A 117 15.79 18.75 -12.20
CA ARG A 117 15.53 19.93 -11.40
C ARG A 117 14.13 19.81 -10.83
N ILE A 118 13.99 19.98 -9.50
CA ILE A 118 12.72 19.71 -8.83
C ILE A 118 12.35 20.87 -7.90
N LYS A 119 11.17 21.44 -8.11
CA LYS A 119 10.58 22.46 -7.26
C LYS A 119 9.37 21.87 -6.54
N ALA A 120 9.23 22.19 -5.25
CA ALA A 120 8.12 21.65 -4.48
C ALA A 120 7.70 22.65 -3.41
N ILE A 121 6.44 22.49 -2.98
CA ILE A 121 5.91 23.23 -1.83
C ILE A 121 6.70 22.86 -0.58
N PRO A 122 7.20 23.80 0.22
CA PRO A 122 7.90 23.44 1.46
C PRO A 122 7.06 22.50 2.32
N GLU A 123 7.72 21.49 2.86
CA GLU A 123 6.98 20.47 3.59
C GLU A 123 6.40 21.06 4.88
N GLY A 124 5.13 20.74 5.14
CA GLY A 124 4.40 21.27 6.25
C GLY A 124 3.49 22.42 5.85
N LYS A 125 3.81 23.13 4.79
CA LYS A 125 2.87 24.08 4.22
C LYS A 125 1.70 23.32 3.61
N THR A 126 0.62 24.03 3.38
CA THR A 126 -0.61 23.42 2.95
C THR A 126 -1.08 24.12 1.68
N VAL A 127 -1.86 23.40 0.90
CA VAL A 127 -2.32 23.87 -0.39
C VAL A 127 -3.77 23.46 -0.59
N ALA A 128 -4.52 24.28 -1.33
CA ALA A 128 -5.86 23.89 -1.72
C ALA A 128 -5.82 22.75 -2.76
N ILE A 129 -6.88 21.95 -2.78
CA ILE A 129 -7.13 21.01 -3.86
C ILE A 129 -7.02 21.74 -5.19
N LYS A 130 -6.45 21.06 -6.19
CA LYS A 130 -6.22 21.46 -7.59
C LYS A 130 -4.96 22.30 -7.79
N VAL A 131 -4.15 22.55 -6.77
CA VAL A 131 -2.93 23.35 -6.91
C VAL A 131 -1.74 22.41 -7.02
N PRO A 132 -0.87 22.58 -8.03
CA PRO A 132 0.32 21.72 -8.14
C PRO A 132 1.19 21.81 -6.89
N VAL A 133 1.71 20.66 -6.45
CA VAL A 133 2.59 20.63 -5.29
C VAL A 133 4.04 20.38 -5.65
N MET A 134 4.34 20.00 -6.90
CA MET A 134 5.71 19.71 -7.30
C MET A 134 5.82 19.85 -8.82
N THR A 135 6.98 20.29 -9.31
CA THR A 135 7.30 20.21 -10.72
C THR A 135 8.67 19.58 -10.90
N ILE A 136 8.85 18.90 -12.03
CA ILE A 136 10.12 18.28 -12.36
C ILE A 136 10.41 18.52 -13.83
N GLU A 137 11.69 18.70 -14.16
CA GLU A 137 12.11 18.79 -15.55
C GLU A 137 13.57 18.33 -15.67
N ASN A 138 14.00 18.05 -16.89
CA ASN A 138 15.39 17.69 -17.06
C ASN A 138 16.22 18.95 -17.33
N THR A 139 17.48 18.89 -16.92
CA THR A 139 18.38 20.04 -17.00
C THR A 139 19.41 19.89 -18.12
N HIS A 140 19.33 18.84 -18.93
CA HIS A 140 20.26 18.55 -20.00
C HIS A 140 19.48 18.07 -21.22
N SER A 141 19.77 18.64 -22.40
CA SER A 141 18.93 18.44 -23.59
C SER A 141 18.82 16.97 -24.00
N ASP A 142 19.87 16.19 -23.81
CA ASP A 142 19.81 14.79 -24.18
C ASP A 142 18.87 13.96 -23.30
N PHE A 143 18.36 14.51 -22.20
CA PHE A 143 17.69 13.68 -21.20
C PHE A 143 16.21 14.02 -21.03
N PHE A 144 15.58 14.52 -22.09
CA PHE A 144 14.13 14.74 -22.06
C PHE A 144 13.39 13.49 -21.60
N TRP A 145 13.86 12.33 -22.04
CA TRP A 145 13.24 11.06 -21.70
C TRP A 145 13.29 10.77 -20.22
N LEU A 146 14.22 11.41 -19.49
CA LEU A 146 14.38 11.07 -18.08
C LEU A 146 13.22 11.60 -17.25
N THR A 147 12.70 12.77 -17.62
CA THR A 147 11.52 13.31 -16.94
C THR A 147 10.36 12.33 -17.05
N ASN A 148 10.04 11.94 -18.29
CA ASN A 148 9.03 10.93 -18.56
C ASN A 148 9.26 9.65 -17.75
N TYR A 149 10.50 9.15 -17.79
CA TYR A 149 10.82 7.86 -17.18
C TYR A 149 10.57 7.83 -15.68
N LEU A 150 10.78 8.94 -14.98
CA LEU A 150 10.67 8.93 -13.53
C LEU A 150 9.26 9.10 -13.01
N GLU A 151 8.27 9.32 -13.89
CA GLU A 151 6.92 9.59 -13.44
C GLU A 151 6.40 8.46 -12.56
N THR A 152 6.70 7.21 -12.92
CA THR A 152 6.12 6.08 -12.17
C THR A 152 6.66 6.02 -10.74
N LEU A 153 7.97 6.16 -10.57
CA LEU A 153 8.57 6.08 -9.25
C LEU A 153 8.17 7.27 -8.36
N ILE A 154 7.97 8.43 -8.97
CA ILE A 154 7.61 9.59 -8.18
C ILE A 154 6.26 9.36 -7.51
N ASN A 155 5.22 8.97 -8.26
CA ASN A 155 4.00 8.87 -7.49
C ASN A 155 3.75 7.51 -6.87
N VAL A 156 4.43 6.43 -7.28
CA VAL A 156 4.31 5.22 -6.46
C VAL A 156 4.82 5.49 -5.05
N SER A 157 5.67 6.48 -4.86
CA SER A 157 6.21 6.69 -3.54
C SER A 157 5.79 8.00 -2.87
N LEU A 158 5.11 8.92 -3.57
CA LEU A 158 4.77 10.19 -2.93
C LEU A 158 3.28 10.41 -2.62
N TRP A 159 2.34 9.78 -3.32
CA TRP A 159 0.94 10.11 -3.02
C TRP A 159 0.53 9.61 -1.64
N GLN A 160 1.12 8.51 -1.16
CA GLN A 160 0.70 7.98 0.14
C GLN A 160 1.12 8.89 1.29
N PRO A 161 2.38 9.31 1.42
CA PRO A 161 2.71 10.21 2.54
C PRO A 161 1.88 11.49 2.56
N MET A 162 1.62 12.08 1.39
CA MET A 162 0.80 13.28 1.36
C MET A 162 -0.64 12.97 1.75
N THR A 163 -1.19 11.85 1.28
CA THR A 163 -2.55 11.50 1.65
C THR A 163 -2.66 11.23 3.15
N SER A 164 -1.72 10.46 3.72
CA SER A 164 -1.73 10.22 5.16
C SER A 164 -1.64 11.54 5.94
N ALA A 165 -0.66 12.39 5.60
CA ALA A 165 -0.52 13.68 6.27
C ALA A 165 -1.78 14.52 6.11
N SER A 166 -2.38 14.49 4.93
CA SER A 166 -3.59 15.26 4.70
C SER A 166 -4.74 14.70 5.51
N ILE A 167 -4.81 13.38 5.69
CA ILE A 167 -5.82 12.80 6.56
C ILE A 167 -5.57 13.18 8.00
N ALA A 168 -4.31 13.09 8.45
CA ALA A 168 -4.00 13.49 9.81
C ALA A 168 -4.45 14.93 10.08
N PHE A 169 -4.16 15.84 9.15
CA PHE A 169 -4.55 17.24 9.34
C PHE A 169 -6.05 17.38 9.48
N ALA A 170 -6.82 16.69 8.63
CA ALA A 170 -8.26 16.78 8.70
C ALA A 170 -8.78 16.26 10.05
N TYR A 171 -8.17 15.18 10.55
CA TYR A 171 -8.50 14.70 11.88
C TYR A 171 -8.23 15.77 12.94
N ARG A 172 -7.02 16.34 12.94
CA ARG A 172 -6.66 17.31 13.96
C ARG A 172 -7.58 18.51 13.89
N THR A 173 -7.92 18.94 12.68
CA THR A 173 -8.85 20.04 12.53
C THR A 173 -10.19 19.76 13.21
N ALA A 174 -10.75 18.57 12.97
CA ALA A 174 -11.99 18.16 13.62
C ALA A 174 -11.84 18.10 15.14
N LEU A 175 -10.72 17.54 15.63
CA LEU A 175 -10.53 17.40 17.07
C LEU A 175 -10.38 18.76 17.73
N ILE A 176 -9.67 19.68 17.07
CA ILE A 176 -9.53 21.02 17.59
C ILE A 176 -10.88 21.72 17.61
N LYS A 177 -11.65 21.58 16.53
CA LYS A 177 -12.97 22.15 16.51
C LYS A 177 -13.81 21.67 17.70
N PHE A 178 -13.75 20.38 18.01
CA PHE A 178 -14.54 19.87 19.13
C PHE A 178 -13.94 20.33 20.45
N ALA A 179 -12.61 20.36 20.55
CA ALA A 179 -11.98 20.84 21.77
C ALA A 179 -12.32 22.30 22.03
N ASN A 180 -12.48 23.08 20.96
CA ASN A 180 -12.86 24.47 21.13
C ASN A 180 -14.26 24.59 21.73
N GLU A 181 -15.18 23.70 21.32
CA GLU A 181 -16.54 23.75 21.84
C GLU A 181 -16.68 23.12 23.23
N THR A 182 -16.02 22.00 23.48
CA THR A 182 -16.32 21.21 24.67
C THR A 182 -15.24 21.24 25.74
N CYS A 183 -14.05 21.76 25.45
CA CYS A 183 -12.91 21.57 26.35
C CYS A 183 -12.27 22.89 26.73
N ASP A 184 -11.74 22.96 27.95
CA ASP A 184 -11.11 24.20 28.39
C ASP A 184 -9.78 24.42 27.69
N ASN A 185 -9.06 23.36 27.36
CA ASN A 185 -7.80 23.51 26.64
C ASN A 185 -7.72 22.43 25.58
N GLN A 186 -6.66 22.44 24.81
CA GLN A 186 -6.51 21.38 23.83
C GLN A 186 -5.19 20.65 23.98
N GLU A 187 -4.71 20.48 25.23
CA GLU A 187 -3.51 19.70 25.49
C GLU A 187 -3.68 18.23 25.17
N HIS A 188 -4.91 17.78 25.10
CA HIS A 188 -5.15 16.38 24.82
C HIS A 188 -5.02 16.07 23.33
N VAL A 189 -5.06 17.09 22.47
CA VAL A 189 -5.23 16.84 21.03
C VAL A 189 -4.04 16.10 20.41
N PRO A 190 -2.78 16.41 20.73
CA PRO A 190 -1.65 15.68 20.12
C PRO A 190 -1.65 14.16 20.35
N PHE A 191 -2.36 13.66 21.36
CA PHE A 191 -2.39 12.24 21.64
C PHE A 191 -3.72 11.61 21.29
N GLN A 192 -4.65 12.38 20.77
CA GLN A 192 -6.00 11.86 20.63
C GLN A 192 -6.17 10.99 19.41
N SER A 193 -5.28 11.08 18.44
CA SER A 193 -5.30 10.20 17.28
C SER A 193 -4.03 9.35 17.32
N HIS A 194 -4.15 8.10 17.78
CA HIS A 194 -2.99 7.23 17.93
C HIS A 194 -2.91 6.24 16.76
N ASP A 195 -1.78 6.23 16.07
CA ASP A 195 -1.61 5.42 14.85
C ASP A 195 -1.56 3.93 15.20
N PHE A 196 -2.56 3.19 14.72
CA PHE A 196 -2.70 1.74 14.92
C PHE A 196 -2.42 0.94 13.64
N SER A 197 -2.04 1.60 12.54
CA SER A 197 -2.28 1.04 11.23
C SER A 197 -1.23 0.03 10.76
N MET A 198 -0.09 -0.09 11.45
CA MET A 198 1.07 -0.72 10.85
C MET A 198 0.75 -2.11 10.29
N ARG A 199 0.10 -2.98 11.08
CA ARG A 199 -0.18 -4.34 10.60
C ARG A 199 -1.08 -4.39 9.38
N GLY A 200 -1.87 -3.33 9.14
CA GLY A 200 -2.81 -3.29 8.04
C GLY A 200 -2.34 -2.52 6.83
N MET A 201 -1.16 -1.89 6.90
CA MET A 201 -0.55 -1.32 5.70
C MET A 201 -0.07 -2.44 4.76
N SER A 202 0.00 -2.10 3.48
CA SER A 202 0.29 -3.11 2.48
C SER A 202 1.77 -3.51 2.44
N SER A 203 2.67 -2.74 3.05
CA SER A 203 4.08 -3.12 3.15
C SER A 203 4.77 -2.27 4.21
N LEU A 204 5.96 -2.70 4.60
CA LEU A 204 6.73 -1.90 5.55
C LEU A 204 7.03 -0.52 4.98
N GLU A 205 7.40 -0.43 3.70
CA GLU A 205 7.68 0.89 3.13
C GLU A 205 6.46 1.80 3.22
N SER A 206 5.29 1.29 2.85
CA SER A 206 4.07 2.08 3.00
C SER A 206 3.74 2.37 4.45
N ALA A 207 4.09 1.47 5.37
CA ALA A 207 3.86 1.75 6.78
C ALA A 207 4.75 2.91 7.25
N GLU A 208 5.98 2.98 6.74
CA GLU A 208 6.90 4.03 7.18
C GLU A 208 6.43 5.40 6.72
N THR A 209 6.09 5.52 5.44
CA THR A 209 5.72 6.83 4.90
C THR A 209 4.33 7.26 5.36
N SER A 210 3.39 6.32 5.47
CA SER A 210 2.07 6.69 5.98
C SER A 210 2.15 7.05 7.45
N GLY A 211 2.91 6.29 8.24
CA GLY A 211 3.10 6.63 9.63
C GLY A 211 3.82 7.95 9.82
N ALA A 212 4.83 8.20 8.98
CA ALA A 212 5.48 9.51 9.01
C ALA A 212 4.48 10.63 8.77
N GLY A 213 3.60 10.47 7.78
CA GLY A 213 2.61 11.49 7.52
C GLY A 213 1.70 11.72 8.72
N HIS A 214 1.34 10.63 9.41
CA HIS A 214 0.53 10.77 10.61
C HIS A 214 1.26 11.59 11.66
N LEU A 215 2.57 11.34 11.84
CA LEU A 215 3.34 12.05 12.84
C LEU A 215 3.48 13.53 12.56
N THR A 216 3.11 14.02 11.36
CA THR A 216 3.20 15.46 11.16
C THR A 216 2.13 16.23 11.95
N SER A 217 1.01 15.59 12.32
CA SER A 217 -0.02 16.25 13.11
C SER A 217 -0.20 15.67 14.50
N PHE A 218 0.41 14.53 14.80
CA PHE A 218 0.14 13.81 16.04
C PHE A 218 1.42 13.21 16.58
N LEU A 219 1.45 13.04 17.91
CA LEU A 219 2.57 12.41 18.59
C LEU A 219 2.37 10.94 18.87
N GLY A 220 1.13 10.47 18.94
CA GLY A 220 0.90 9.09 19.28
C GLY A 220 1.05 8.12 18.12
N THR A 221 2.00 7.20 18.24
CA THR A 221 2.07 6.14 17.26
C THR A 221 2.62 4.87 17.89
N ASP A 222 2.12 3.74 17.38
CA ASP A 222 2.60 2.36 17.50
C ASP A 222 3.46 1.87 16.35
N THR A 223 3.57 2.65 15.27
CA THR A 223 4.45 2.33 14.15
C THR A 223 5.87 2.79 14.43
N ILE A 224 6.61 1.94 15.18
CA ILE A 224 8.01 2.23 15.49
C ILE A 224 8.81 2.58 14.23
N PRO A 225 8.73 1.82 13.13
CA PRO A 225 9.50 2.22 11.94
C PRO A 225 9.14 3.61 11.41
N ALA A 226 7.94 4.12 11.66
CA ALA A 226 7.63 5.48 11.25
C ALA A 226 8.49 6.51 12.02
N LEU A 227 8.64 6.32 13.34
CA LEU A 227 9.60 7.12 14.12
C LEU A 227 11.02 7.12 13.57
N SER A 228 11.64 5.95 13.49
CA SER A 228 13.02 5.91 13.05
C SER A 228 13.15 6.33 11.58
N PHE A 229 12.08 6.17 10.80
CA PHE A 229 12.06 6.72 9.45
C PHE A 229 12.16 8.24 9.47
N VAL A 230 11.32 8.90 10.31
CA VAL A 230 11.42 10.34 10.49
C VAL A 230 12.80 10.72 11.02
N GLU A 231 13.37 9.90 11.92
CA GLU A 231 14.68 10.19 12.45
C GLU A 231 15.70 10.29 11.33
N ALA A 232 15.66 9.31 10.41
CA ALA A 232 16.72 9.16 9.43
C ALA A 232 16.63 10.23 8.34
N TYR A 233 15.43 10.58 7.92
CA TYR A 233 15.34 11.46 6.76
C TYR A 233 15.06 12.91 7.13
N TYR A 234 14.58 13.18 8.34
CA TYR A 234 14.29 14.55 8.75
C TYR A 234 15.03 14.98 10.00
N GLY A 235 14.98 14.17 11.06
CA GLY A 235 15.57 14.55 12.32
C GLY A 235 14.64 15.47 13.09
N SER A 236 14.83 15.50 14.41
CA SER A 236 14.01 16.42 15.22
C SER A 236 14.68 16.75 16.54
N SER A 237 14.47 17.98 17.00
CA SER A 237 14.89 18.37 18.35
C SER A 237 13.91 17.90 19.39
N SER A 238 12.61 18.10 19.13
CA SER A 238 11.65 17.70 20.13
C SER A 238 11.29 16.24 19.88
N LEU A 239 10.43 15.71 20.73
CA LEU A 239 10.03 14.32 20.63
C LEU A 239 9.27 14.08 19.33
N ILE A 240 9.64 13.02 18.60
CA ILE A 240 8.92 12.70 17.38
C ILE A 240 7.63 11.96 17.71
N GLY A 241 7.69 10.95 18.58
CA GLY A 241 6.52 10.15 18.86
C GLY A 241 6.61 9.45 20.21
N THR A 242 5.46 8.98 20.66
CA THR A 242 5.31 8.39 21.98
C THR A 242 4.20 7.34 21.96
N SER A 243 4.22 6.48 22.97
CA SER A 243 3.16 5.47 23.14
C SER A 243 3.22 4.93 24.57
N ILE A 244 2.34 3.97 24.85
CA ILE A 244 2.18 3.46 26.20
C ILE A 244 2.19 1.94 26.17
N PRO A 245 2.52 1.31 27.29
CA PRO A 245 2.30 -0.13 27.41
C PRO A 245 0.82 -0.45 27.27
N ALA A 246 0.53 -1.55 26.58
CA ALA A 246 -0.85 -1.92 26.33
C ALA A 246 -0.91 -3.41 26.06
N SER A 247 -1.91 -4.07 26.63
CA SER A 247 -2.05 -5.50 26.44
C SER A 247 -2.79 -5.82 25.13
N GLU A 248 -2.66 -7.06 24.69
CA GLU A 248 -3.41 -7.58 23.56
C GLU A 248 -4.22 -8.80 24.00
N HIS A 249 -5.10 -9.26 23.11
CA HIS A 249 -5.99 -10.36 23.46
C HIS A 249 -5.20 -11.60 23.86
N SER A 250 -4.11 -11.91 23.16
CA SER A 250 -3.37 -13.11 23.52
C SER A 250 -2.87 -13.04 24.96
N VAL A 251 -2.51 -11.84 25.41
CA VAL A 251 -2.07 -11.64 26.80
C VAL A 251 -3.22 -11.90 27.77
N MET A 252 -4.40 -11.37 27.46
CA MET A 252 -5.53 -11.53 28.36
C MET A 252 -5.94 -12.99 28.50
N SER A 253 -6.14 -13.70 27.38
CA SER A 253 -6.70 -15.04 27.48
C SER A 253 -5.68 -16.07 27.96
N SER A 254 -4.39 -15.81 27.80
CA SER A 254 -3.40 -16.70 28.38
C SER A 254 -3.46 -16.68 29.90
N HIS A 255 -4.05 -15.64 30.49
CA HIS A 255 -4.34 -15.59 31.92
C HIS A 255 -5.68 -16.20 32.26
N GLY A 256 -6.46 -16.61 31.26
CA GLY A 256 -7.73 -17.23 31.56
C GLY A 256 -8.84 -16.24 31.78
N VAL A 257 -9.92 -16.73 32.38
CA VAL A 257 -11.19 -16.02 32.44
C VAL A 257 -11.30 -15.08 33.65
N ASP A 258 -10.44 -15.23 34.65
CA ASP A 258 -10.47 -14.36 35.82
C ASP A 258 -9.71 -13.08 35.47
N GLU A 259 -10.41 -12.14 34.80
CA GLU A 259 -9.74 -10.93 34.35
C GLU A 259 -9.46 -9.97 35.49
N LEU A 260 -10.26 -10.01 36.56
CA LEU A 260 -9.97 -9.16 37.71
C LEU A 260 -8.57 -9.41 38.24
N SER A 261 -8.16 -10.67 38.30
CA SER A 261 -6.78 -11.00 38.68
C SER A 261 -5.83 -10.42 37.66
N THR A 262 -6.15 -10.58 36.38
CA THR A 262 -5.25 -10.19 35.32
C THR A 262 -5.00 -8.70 35.34
N PHE A 263 -6.10 -7.92 35.45
CA PHE A 263 -5.98 -6.48 35.58
C PHE A 263 -4.99 -6.14 36.68
N ARG A 264 -5.19 -6.74 37.86
CA ARG A 264 -4.27 -6.48 38.97
C ARG A 264 -2.86 -6.88 38.58
N TYR A 265 -2.70 -8.03 37.92
CA TYR A 265 -1.38 -8.47 37.48
C TYR A 265 -0.75 -7.44 36.54
N LEU A 266 -1.50 -7.00 35.53
CA LEU A 266 -0.92 -6.10 34.53
C LEU A 266 -0.60 -4.73 35.11
N MET A 267 -1.53 -4.14 35.86
CA MET A 267 -1.22 -2.82 36.38
C MET A 267 -0.13 -2.89 37.43
N ALA A 268 0.04 -4.04 38.09
CA ALA A 268 1.22 -4.22 38.95
C ALA A 268 2.52 -4.25 38.16
N LYS A 269 2.47 -4.75 36.89
CA LYS A 269 3.68 -4.83 36.07
C LYS A 269 4.14 -3.45 35.59
N PHE A 270 3.23 -2.49 35.42
CA PHE A 270 3.58 -1.14 35.02
C PHE A 270 3.02 -0.13 36.03
N PRO A 271 3.60 -0.08 37.24
CA PRO A 271 3.07 0.81 38.28
C PRO A 271 3.26 2.29 37.98
N HIS A 272 4.20 2.65 37.10
CA HIS A 272 4.58 4.05 36.92
C HIS A 272 4.39 4.56 35.50
N ASN A 273 3.59 3.88 34.69
CA ASN A 273 3.34 4.29 33.32
C ASN A 273 1.85 4.17 33.03
N MET A 274 1.38 4.93 32.05
CA MET A 274 0.04 4.69 31.53
C MET A 274 -0.05 3.30 30.94
N LEU A 275 -1.23 2.70 31.04
CA LEU A 275 -1.40 1.29 30.68
C LEU A 275 -2.78 1.08 30.08
N SER A 276 -2.82 0.63 28.84
CA SER A 276 -4.08 0.27 28.19
C SER A 276 -4.32 -1.23 28.33
N ILE A 277 -5.55 -1.59 28.68
CA ILE A 277 -5.90 -2.99 28.83
C ILE A 277 -7.10 -3.28 27.95
N VAL A 278 -6.90 -4.13 26.95
CA VAL A 278 -8.01 -4.56 26.10
C VAL A 278 -8.99 -5.36 26.94
N SER A 279 -10.27 -5.05 26.84
CA SER A 279 -11.21 -5.42 27.88
C SER A 279 -12.32 -6.36 27.44
N ASP A 280 -12.30 -6.83 26.18
CA ASP A 280 -13.42 -7.63 25.68
C ASP A 280 -13.03 -9.07 25.34
N THR A 281 -11.91 -9.57 25.89
CA THR A 281 -11.50 -10.94 25.58
C THR A 281 -12.58 -11.95 25.99
N THR A 282 -13.21 -11.76 27.15
CA THR A 282 -14.23 -12.67 27.63
C THR A 282 -15.56 -11.97 27.81
N ASP A 283 -15.66 -10.99 28.72
CA ASP A 283 -16.93 -10.30 28.95
C ASP A 283 -16.66 -8.81 29.20
N PHE A 284 -16.90 -8.00 28.17
CA PHE A 284 -16.61 -6.57 28.26
C PHE A 284 -17.39 -5.91 29.39
N TRP A 285 -18.72 -5.99 29.33
CA TRP A 285 -19.53 -5.27 30.31
C TRP A 285 -19.38 -5.84 31.71
N HIS A 286 -18.93 -7.08 31.87
CA HIS A 286 -18.62 -7.54 33.21
C HIS A 286 -17.40 -6.81 33.77
N ASN A 287 -16.37 -6.61 32.95
CA ASN A 287 -15.21 -5.81 33.36
C ASN A 287 -15.61 -4.38 33.71
N ILE A 288 -16.51 -3.78 32.91
CA ILE A 288 -16.90 -2.39 33.12
C ILE A 288 -17.72 -2.24 34.39
N THR A 289 -18.76 -3.06 34.56
CA THR A 289 -19.71 -2.79 35.63
C THR A 289 -19.35 -3.47 36.94
N VAL A 290 -18.54 -4.54 36.93
CA VAL A 290 -18.19 -5.26 38.14
C VAL A 290 -16.73 -5.07 38.52
N ASN A 291 -15.81 -5.33 37.60
CA ASN A 291 -14.40 -5.34 37.98
C ASN A 291 -13.83 -3.93 38.18
N LEU A 292 -14.29 -2.97 37.38
CA LEU A 292 -13.80 -1.60 37.53
C LEU A 292 -14.15 -1.01 38.91
N PRO A 293 -15.37 -1.15 39.43
CA PRO A 293 -15.60 -0.68 40.82
C PRO A 293 -14.70 -1.36 41.84
N LEU A 294 -14.48 -2.68 41.69
CA LEU A 294 -13.62 -3.41 42.63
C LEU A 294 -12.18 -2.92 42.57
N LEU A 295 -11.77 -2.40 41.41
CA LEU A 295 -10.42 -1.87 41.19
C LEU A 295 -10.32 -0.36 41.40
N LYS A 296 -11.46 0.34 41.55
CA LYS A 296 -11.43 1.80 41.64
C LYS A 296 -10.41 2.27 42.67
N GLN A 297 -10.43 1.67 43.85
CA GLN A 297 -9.51 2.07 44.91
C GLN A 297 -8.08 1.91 44.45
N GLU A 298 -7.77 0.78 43.81
CA GLU A 298 -6.43 0.50 43.29
C GLU A 298 -6.07 1.43 42.14
N ILE A 299 -7.05 1.74 41.28
CA ILE A 299 -6.81 2.61 40.13
C ILE A 299 -6.43 4.02 40.58
N ILE A 300 -7.29 4.64 41.41
CA ILE A 300 -7.09 6.05 41.76
C ILE A 300 -5.90 6.27 42.67
N ALA A 301 -5.32 5.20 43.20
CA ALA A 301 -4.09 5.33 43.97
C ALA A 301 -2.87 5.48 43.08
N ARG A 302 -2.99 5.17 41.78
CA ARG A 302 -1.85 5.22 40.87
C ARG A 302 -1.50 6.68 40.58
N PRO A 303 -0.24 6.97 40.26
CA PRO A 303 0.16 8.36 39.98
C PRO A 303 -0.56 9.00 38.81
N GLU A 304 -0.60 10.34 38.87
CA GLU A 304 -1.11 11.23 37.81
C GLU A 304 -0.78 10.71 36.40
N ASN A 305 0.51 10.52 36.18
CA ASN A 305 1.14 10.15 34.93
C ASN A 305 0.99 8.66 34.57
N ALA A 306 0.13 7.91 35.24
CA ALA A 306 0.06 6.46 35.03
C ALA A 306 -1.37 5.98 34.92
N ARG A 307 -2.21 6.70 34.20
CA ARG A 307 -3.62 6.31 34.20
C ARG A 307 -3.85 4.98 33.52
N LEU A 308 -4.92 4.32 33.93
CA LEU A 308 -5.39 3.12 33.26
C LEU A 308 -6.32 3.51 32.11
N VAL A 309 -6.08 2.96 30.93
CA VAL A 309 -6.91 3.26 29.76
C VAL A 309 -7.62 1.98 29.33
N ILE A 310 -8.94 2.05 29.25
CA ILE A 310 -9.79 0.91 28.91
C ILE A 310 -9.94 0.85 27.40
N ARG A 311 -9.70 -0.32 26.82
CA ARG A 311 -9.79 -0.47 25.37
C ARG A 311 -10.90 -1.46 24.99
N PRO A 312 -12.05 -0.96 24.56
CA PRO A 312 -13.00 -1.83 23.88
C PRO A 312 -12.48 -2.17 22.49
N ASP A 313 -12.88 -3.33 22.00
CA ASP A 313 -12.40 -3.72 20.68
C ASP A 313 -13.48 -4.43 19.87
N SER A 314 -14.75 -4.25 20.21
CA SER A 314 -15.81 -4.98 19.55
C SER A 314 -17.14 -4.36 19.94
N GLY A 315 -18.17 -4.67 19.16
CA GLY A 315 -19.44 -4.00 19.26
C GLY A 315 -19.52 -2.84 18.29
N ASN A 316 -20.71 -2.25 18.21
CA ASN A 316 -20.89 -1.08 17.37
C ASN A 316 -20.08 0.10 17.93
N PHE A 317 -19.35 0.78 17.04
CA PHE A 317 -18.46 1.84 17.48
C PHE A 317 -19.20 2.91 18.26
N PHE A 318 -20.37 3.32 17.76
CA PHE A 318 -21.13 4.37 18.41
C PHE A 318 -21.79 3.86 19.68
N ALA A 319 -22.37 2.66 19.63
CA ALA A 319 -23.12 2.15 20.77
C ALA A 319 -22.19 1.89 21.95
N ILE A 320 -21.00 1.33 21.70
CA ILE A 320 -20.03 1.09 22.77
C ILE A 320 -19.64 2.37 23.49
N ILE A 321 -19.40 3.45 22.76
CA ILE A 321 -18.86 4.63 23.40
C ILE A 321 -19.95 5.56 23.94
N CYS A 322 -21.01 5.75 23.16
CA CYS A 322 -22.07 6.71 23.44
C CYS A 322 -23.35 6.10 23.96
N GLY A 323 -23.50 4.79 23.88
CA GLY A 323 -24.70 4.20 24.41
C GLY A 323 -25.74 3.97 23.34
N ASP A 324 -26.57 2.96 23.55
CA ASP A 324 -27.66 2.63 22.62
C ASP A 324 -28.97 2.79 23.38
N PRO A 325 -29.80 3.77 23.03
CA PRO A 325 -31.08 3.92 23.74
C PRO A 325 -31.99 2.69 23.67
N THR A 326 -32.08 2.03 22.52
CA THR A 326 -32.86 0.81 22.38
C THR A 326 -32.41 -0.36 23.26
N ALA A 327 -31.33 -0.23 24.03
CA ALA A 327 -30.73 -1.45 24.55
C ALA A 327 -31.43 -1.85 25.84
N ASP A 328 -31.27 -3.12 26.21
CA ASP A 328 -32.04 -3.76 27.27
C ASP A 328 -31.44 -3.61 28.66
N THR A 329 -30.22 -3.10 28.77
CA THR A 329 -29.55 -2.98 30.05
C THR A 329 -29.11 -1.53 30.21
N GLU A 330 -29.06 -1.06 31.45
CA GLU A 330 -28.77 0.35 31.67
C GLU A 330 -27.35 0.70 31.27
N HIS A 331 -26.39 -0.15 31.59
CA HIS A 331 -25.00 0.14 31.23
C HIS A 331 -24.84 0.23 29.71
N GLU A 332 -25.52 -0.65 28.96
CA GLU A 332 -25.46 -0.58 27.51
C GLU A 332 -26.24 0.61 26.99
N ARG A 333 -27.27 1.03 27.71
CA ARG A 333 -28.07 2.15 27.25
C ARG A 333 -27.27 3.44 27.37
N LYS A 334 -26.40 3.52 28.36
CA LYS A 334 -25.40 4.56 28.40
C LYS A 334 -24.14 4.04 27.73
N GLY A 335 -23.16 4.90 27.53
CA GLY A 335 -21.95 4.46 26.86
C GLY A 335 -20.92 3.94 27.85
N LEU A 336 -19.81 3.46 27.29
CA LEU A 336 -18.63 3.24 28.11
C LEU A 336 -18.25 4.54 28.83
N ILE A 337 -18.36 5.67 28.13
CA ILE A 337 -17.90 6.94 28.70
C ILE A 337 -18.80 7.38 29.86
N GLU A 338 -20.13 7.29 29.71
CA GLU A 338 -21.01 7.58 30.83
C GLU A 338 -20.82 6.58 31.98
N CYS A 339 -20.56 5.29 31.65
CA CYS A 339 -20.32 4.31 32.70
C CYS A 339 -19.05 4.65 33.47
N LEU A 340 -17.98 4.98 32.75
CA LEU A 340 -16.75 5.41 33.41
C LEU A 340 -17.00 6.64 34.26
N TRP A 341 -17.89 7.51 33.79
CA TRP A 341 -18.27 8.71 34.55
C TRP A 341 -18.97 8.35 35.86
N ASP A 342 -19.97 7.45 35.78
CA ASP A 342 -20.65 6.97 36.99
C ASP A 342 -19.67 6.30 37.96
N ILE A 343 -18.74 5.50 37.46
CA ILE A 343 -17.90 4.73 38.38
C ILE A 343 -16.85 5.63 39.02
N PHE A 344 -16.10 6.35 38.21
CA PHE A 344 -14.99 7.14 38.69
C PHE A 344 -15.46 8.58 38.85
N GLY A 345 -14.54 9.44 39.22
CA GLY A 345 -14.97 10.82 39.43
C GLY A 345 -15.39 11.59 38.19
N GLY A 346 -15.33 12.90 38.31
CA GLY A 346 -15.40 13.79 37.17
C GLY A 346 -15.62 15.20 37.63
N THR A 347 -15.41 16.13 36.70
CA THR A 347 -15.70 17.52 36.93
C THR A 347 -16.49 18.04 35.73
N VAL A 348 -16.99 19.27 35.87
CA VAL A 348 -17.61 19.98 34.76
C VAL A 348 -16.75 21.21 34.50
N ASN A 349 -16.37 21.40 33.22
CA ASN A 349 -15.43 22.47 32.88
C ASN A 349 -16.14 23.81 32.63
N GLN A 350 -15.32 24.85 32.39
CA GLN A 350 -15.83 26.20 32.11
C GLN A 350 -16.87 26.16 31.00
N LYS A 351 -16.66 25.30 30.00
CA LYS A 351 -17.58 25.19 28.87
C LYS A 351 -18.85 24.45 29.24
N GLY A 352 -18.92 23.84 30.41
CA GLY A 352 -20.11 23.12 30.80
C GLY A 352 -20.17 21.67 30.43
N TYR A 353 -19.05 21.03 30.04
CA TYR A 353 -19.04 19.63 29.68
C TYR A 353 -18.35 18.80 30.76
N LYS A 354 -18.82 17.57 30.93
CA LYS A 354 -18.27 16.67 31.94
C LYS A 354 -16.93 16.12 31.47
N VAL A 355 -15.93 16.19 32.35
CA VAL A 355 -14.59 15.66 32.10
C VAL A 355 -14.37 14.55 33.12
N ILE A 356 -14.20 13.33 32.64
CA ILE A 356 -14.01 12.16 33.48
C ILE A 356 -12.72 12.26 34.28
N ASN A 357 -12.73 11.68 35.47
CA ASN A 357 -11.60 11.48 36.36
C ASN A 357 -10.34 11.08 35.60
N PRO A 358 -9.29 11.87 35.65
CA PRO A 358 -8.11 11.61 34.80
C PRO A 358 -7.27 10.40 35.22
N HIS A 359 -7.74 9.64 36.20
CA HIS A 359 -7.08 8.40 36.56
C HIS A 359 -7.50 7.27 35.64
N ILE A 360 -8.59 7.46 34.89
CA ILE A 360 -9.13 6.47 33.97
C ILE A 360 -9.26 7.14 32.62
N GLY A 361 -9.17 6.32 31.56
CA GLY A 361 -9.25 6.81 30.19
C GLY A 361 -9.88 5.75 29.32
N ALA A 362 -10.12 6.12 28.06
CA ALA A 362 -10.78 5.23 27.13
C ALA A 362 -10.20 5.42 25.73
N ILE A 363 -9.92 4.32 25.04
CA ILE A 363 -9.45 4.35 23.66
C ILE A 363 -10.26 3.39 22.80
N TYR A 364 -10.75 3.88 21.66
CA TYR A 364 -11.43 3.06 20.66
C TYR A 364 -10.56 2.97 19.41
N GLY A 365 -10.15 1.75 19.07
CA GLY A 365 -9.25 1.54 17.95
C GLY A 365 -9.64 0.35 17.10
N ASP A 366 -10.93 0.25 16.75
CA ASP A 366 -11.46 -0.92 16.05
C ASP A 366 -12.12 -0.41 14.75
N GLY A 367 -11.32 -0.37 13.68
CA GLY A 367 -11.75 0.10 12.37
C GLY A 367 -12.13 1.57 12.29
N VAL A 368 -11.40 2.44 13.00
CA VAL A 368 -11.76 3.86 13.11
C VAL A 368 -11.58 4.57 11.77
N THR A 369 -12.59 5.32 11.36
CA THR A 369 -12.57 6.17 10.17
C THR A 369 -12.95 7.59 10.53
N TYR A 370 -12.72 8.54 9.61
CA TYR A 370 -13.03 9.93 9.93
C TYR A 370 -14.50 10.12 10.30
N GLU A 371 -15.47 9.58 9.51
CA GLU A 371 -16.81 9.83 10.05
C GLU A 371 -17.08 9.04 11.30
N LYS A 372 -16.42 7.92 11.50
CA LYS A 372 -16.71 7.18 12.72
C LYS A 372 -16.24 7.99 13.92
N MET A 373 -15.01 8.53 13.82
CA MET A 373 -14.50 9.42 14.85
C MET A 373 -15.42 10.62 15.03
N PHE A 374 -15.89 11.21 13.93
CA PHE A 374 -16.74 12.39 14.03
C PHE A 374 -18.06 12.06 14.71
N LYS A 375 -18.72 10.99 14.28
CA LYS A 375 -19.99 10.61 14.89
C LYS A 375 -19.84 10.39 16.40
N ILE A 376 -18.76 9.73 16.83
CA ILE A 376 -18.56 9.49 18.25
C ILE A 376 -18.46 10.81 19.01
N LEU A 377 -17.76 11.80 18.46
CA LEU A 377 -17.61 13.06 19.17
C LEU A 377 -18.93 13.85 19.19
N GLU A 378 -19.71 13.79 18.11
CA GLU A 378 -21.07 14.30 18.22
C GLU A 378 -21.84 13.54 19.30
N GLY A 379 -21.62 12.22 19.38
CA GLY A 379 -22.28 11.43 20.41
C GLY A 379 -21.97 11.93 21.81
N LEU A 380 -20.69 12.15 22.10
CA LEU A 380 -20.29 12.58 23.44
C LEU A 380 -20.75 14.02 23.75
N GLN A 381 -20.54 14.96 22.84
CA GLN A 381 -21.07 16.31 23.07
C GLN A 381 -22.59 16.35 23.23
N ALA A 382 -23.33 15.52 22.49
CA ALA A 382 -24.78 15.54 22.68
C ALA A 382 -25.14 15.11 24.10
N LYS A 383 -24.35 14.22 24.69
CA LYS A 383 -24.52 13.80 26.07
C LYS A 383 -23.89 14.76 27.06
N GLY A 384 -23.31 15.85 26.59
CA GLY A 384 -22.63 16.74 27.50
C GLY A 384 -21.30 16.26 28.00
N PHE A 385 -20.59 15.42 27.22
CA PHE A 385 -19.27 14.91 27.60
C PHE A 385 -18.21 15.59 26.75
N ALA A 386 -17.15 16.05 27.40
CA ALA A 386 -16.05 16.70 26.70
C ALA A 386 -15.42 15.75 25.69
N SER A 387 -14.98 16.32 24.56
CA SER A 387 -14.40 15.48 23.53
C SER A 387 -13.06 14.89 23.94
N SER A 388 -12.43 15.42 25.01
CA SER A 388 -11.16 14.88 25.48
C SER A 388 -11.30 13.53 26.20
N ASN A 389 -12.50 13.02 26.39
CA ASN A 389 -12.66 11.81 27.19
C ASN A 389 -12.28 10.56 26.44
N ILE A 390 -12.17 10.64 25.12
CA ILE A 390 -11.90 9.49 24.28
C ILE A 390 -10.60 9.73 23.50
N VAL A 391 -9.81 8.67 23.34
CA VAL A 391 -8.70 8.59 22.41
C VAL A 391 -9.11 7.65 21.29
N PHE A 392 -8.67 7.93 20.06
CA PHE A 392 -8.93 7.07 18.90
C PHE A 392 -7.63 6.42 18.45
N GLY A 393 -7.62 5.09 18.47
CA GLY A 393 -6.59 4.32 17.79
C GLY A 393 -6.93 4.23 16.31
N VAL A 394 -6.15 4.89 15.47
CA VAL A 394 -6.50 5.06 14.06
C VAL A 394 -5.69 4.06 13.24
N GLY A 395 -6.40 3.16 12.56
CA GLY A 395 -5.71 2.07 11.93
C GLY A 395 -5.73 2.09 10.41
N ALA A 396 -5.65 0.89 9.82
CA ALA A 396 -5.50 0.78 8.38
C ALA A 396 -6.78 1.14 7.65
N GLN A 397 -7.94 1.03 8.32
CA GLN A 397 -9.16 1.49 7.66
C GLN A 397 -9.15 2.99 7.45
N THR A 398 -8.18 3.70 8.03
CA THR A 398 -7.98 5.10 7.67
C THR A 398 -6.82 5.29 6.70
N TYR A 399 -5.66 4.71 6.98
CA TYR A 399 -4.47 5.06 6.21
C TYR A 399 -4.15 4.09 5.08
N GLN A 400 -4.58 2.83 5.16
CA GLN A 400 -4.42 1.90 4.04
C GLN A 400 -5.58 2.00 3.07
N ARG A 401 -6.79 2.34 3.55
CA ARG A 401 -7.98 2.38 2.70
C ARG A 401 -7.98 3.66 1.85
N ASN A 402 -6.99 3.74 0.96
CA ASN A 402 -6.91 4.86 0.04
C ASN A 402 -6.37 4.39 -1.30
N THR A 403 -6.63 5.22 -2.30
CA THR A 403 -5.93 5.14 -3.56
C THR A 403 -5.46 6.54 -3.91
N ARG A 404 -4.66 6.56 -4.94
CA ARG A 404 -4.20 7.78 -5.56
C ARG A 404 -5.38 8.67 -6.00
N ASP A 405 -6.60 8.13 -6.15
CA ASP A 405 -7.78 8.89 -6.55
C ASP A 405 -8.53 9.50 -5.37
N THR A 406 -8.07 9.24 -4.13
CA THR A 406 -8.61 9.91 -2.96
C THR A 406 -8.44 11.43 -3.04
N LEU A 407 -7.21 11.88 -3.34
CA LEU A 407 -6.93 13.27 -3.59
C LEU A 407 -6.72 13.56 -5.07
N GLY A 408 -6.97 12.60 -5.95
CA GLY A 408 -6.87 12.85 -7.37
C GLY A 408 -5.47 13.17 -7.86
N PHE A 409 -4.44 12.57 -7.27
CA PHE A 409 -3.08 12.82 -7.72
C PHE A 409 -2.88 12.37 -9.15
N ALA A 410 -2.27 13.24 -9.94
CA ALA A 410 -1.85 12.95 -11.29
C ALA A 410 -0.53 13.65 -11.53
N LEU A 411 0.40 12.92 -12.16
CA LEU A 411 1.66 13.51 -12.63
C LEU A 411 1.56 13.57 -14.14
N LYS A 412 1.34 14.76 -14.67
CA LYS A 412 1.17 14.99 -16.11
C LYS A 412 2.29 15.87 -16.63
N ALA A 413 2.75 15.57 -17.84
CA ALA A 413 3.66 16.48 -18.52
C ALA A 413 2.85 17.64 -19.10
N THR A 414 3.34 18.86 -18.90
CA THR A 414 2.62 20.02 -19.39
C THR A 414 3.41 20.82 -20.41
N SER A 415 4.70 20.59 -20.55
CA SER A 415 5.48 21.36 -21.52
C SER A 415 6.59 20.51 -22.11
N ILE A 416 6.79 20.65 -23.42
CA ILE A 416 7.92 20.02 -24.09
C ILE A 416 8.67 21.10 -24.87
N THR A 417 9.99 20.98 -24.90
CA THR A 417 10.84 21.81 -25.73
C THR A 417 11.37 20.96 -26.87
N ILE A 418 11.09 21.39 -28.11
CA ILE A 418 11.51 20.67 -29.31
C ILE A 418 12.24 21.68 -30.19
N ASN A 419 13.53 21.44 -30.41
CA ASN A 419 14.36 22.30 -31.27
C ASN A 419 14.37 23.75 -30.79
N GLY A 420 14.50 23.93 -29.48
CA GLY A 420 14.54 25.26 -28.92
C GLY A 420 13.20 25.98 -28.81
N GLU A 421 12.07 25.29 -28.99
CA GLU A 421 10.75 25.90 -28.84
C GLU A 421 9.97 25.16 -27.75
N GLU A 422 9.35 25.92 -26.84
CA GLU A 422 8.58 25.36 -25.73
C GLU A 422 7.13 25.26 -26.14
N LYS A 423 6.56 24.07 -26.05
CA LYS A 423 5.19 23.84 -26.45
C LYS A 423 4.41 23.34 -25.26
N ALA A 424 3.19 23.85 -25.10
CA ALA A 424 2.29 23.34 -24.09
C ALA A 424 1.75 22.02 -24.59
N ILE A 425 1.76 21.00 -23.74
CA ILE A 425 1.16 19.73 -24.10
C ILE A 425 0.11 19.40 -23.05
N PHE A 426 -1.01 18.85 -23.51
CA PHE A 426 -2.16 18.62 -22.66
C PHE A 426 -3.09 17.72 -23.44
N LYS A 427 -4.05 17.17 -22.72
CA LYS A 427 -5.16 16.42 -23.24
C LYS A 427 -6.47 17.16 -22.99
N ASN A 428 -7.41 17.05 -23.93
CA ASN A 428 -8.82 17.37 -23.69
C ASN A 428 -9.66 16.27 -24.30
N PRO A 429 -9.86 15.15 -23.58
CA PRO A 429 -10.47 13.96 -24.18
C PRO A 429 -11.93 14.17 -24.65
N LYS A 437 -7.64 18.28 -14.81
CA LYS A 437 -7.22 19.66 -14.59
C LYS A 437 -6.96 20.39 -15.91
N SER A 438 -6.00 19.84 -16.67
CA SER A 438 -5.52 20.25 -17.99
C SER A 438 -4.63 21.48 -17.92
N GLN A 439 -3.49 21.36 -17.23
CA GLN A 439 -2.55 22.44 -17.15
C GLN A 439 -1.78 22.52 -18.47
N LYS A 440 -1.21 23.68 -18.76
CA LYS A 440 -0.47 23.86 -20.01
C LYS A 440 0.72 24.74 -19.72
N GLY A 441 1.89 24.37 -20.22
CA GLY A 441 3.07 25.18 -20.00
C GLY A 441 3.63 25.02 -18.60
N ARG A 442 4.44 26.00 -18.20
CA ARG A 442 5.02 25.97 -16.85
C ARG A 442 4.09 26.66 -15.86
N VAL A 443 4.14 26.21 -14.61
CA VAL A 443 3.19 26.69 -13.62
C VAL A 443 3.96 27.44 -12.56
N LYS A 444 3.28 28.43 -11.96
CA LYS A 444 3.80 29.13 -10.81
C LYS A 444 2.70 29.22 -9.78
N VAL A 445 2.99 28.85 -8.54
CA VAL A 445 1.98 28.91 -7.50
C VAL A 445 2.07 30.28 -6.85
N LEU A 446 1.00 31.07 -6.98
CA LEU A 446 0.96 32.45 -6.51
C LEU A 446 0.54 32.53 -5.07
N SER A 447 -0.37 31.66 -4.70
CA SER A 447 -0.77 31.66 -3.33
C SER A 447 -1.15 30.25 -2.97
N ARG A 448 -1.49 30.14 -1.73
CA ARG A 448 -2.09 28.94 -1.18
C ARG A 448 -3.16 28.29 -2.05
N ASP A 449 -3.99 29.08 -2.70
CA ASP A 449 -5.18 28.58 -3.39
C ASP A 449 -5.25 29.02 -4.84
N THR A 450 -4.20 29.66 -5.36
CA THR A 450 -4.24 30.10 -6.75
C THR A 450 -2.86 29.95 -7.38
N TYR A 451 -2.85 29.66 -8.69
CA TYR A 451 -1.63 29.56 -9.48
C TYR A 451 -1.91 30.07 -10.89
N VAL A 452 -0.83 30.24 -11.65
CA VAL A 452 -0.89 30.64 -13.06
C VAL A 452 -0.07 29.61 -13.83
N ASP A 453 -0.50 29.30 -15.06
CA ASP A 453 0.16 28.19 -15.76
C ASP A 453 0.65 28.44 -17.17
N GLY A 454 0.28 29.50 -17.84
CA GLY A 454 0.72 29.51 -19.24
C GLY A 454 2.17 29.93 -19.43
N LEU A 455 3.05 29.61 -18.51
CA LEU A 455 4.35 30.28 -18.50
C LEU A 455 5.40 29.52 -19.31
N THR A 456 6.44 30.26 -19.68
CA THR A 456 7.66 29.77 -20.27
C THR A 456 8.78 29.84 -19.25
N SER A 457 9.93 29.25 -19.57
CA SER A 457 11.03 29.27 -18.62
C SER A 457 11.63 30.65 -18.44
N ALA A 458 11.32 31.59 -19.33
CA ALA A 458 11.86 32.94 -19.24
C ALA A 458 11.11 33.84 -18.27
N ASP A 459 9.93 33.43 -17.79
CA ASP A 459 9.11 34.27 -16.92
C ASP A 459 9.76 34.42 -15.55
N ASP A 460 9.17 35.31 -14.73
CA ASP A 460 9.66 35.74 -13.42
C ASP A 460 10.00 34.62 -12.44
N PHE A 461 9.00 34.04 -11.79
CA PHE A 461 9.10 32.94 -10.78
C PHE A 461 9.61 33.40 -9.41
N SER A 462 9.96 34.68 -9.23
CA SER A 462 10.18 35.20 -7.89
C SER A 462 8.97 34.92 -7.02
N ASP A 463 9.22 34.61 -5.74
CA ASP A 463 8.16 34.38 -4.74
C ASP A 463 7.23 33.23 -5.09
N ASP A 464 7.71 32.26 -5.88
CA ASP A 464 6.92 31.09 -6.18
C ASP A 464 6.78 30.25 -4.91
N LEU A 465 5.54 29.85 -4.59
CA LEU A 465 5.36 28.94 -3.47
C LEU A 465 6.00 27.58 -3.73
N LEU A 466 6.14 27.15 -4.99
CA LEU A 466 7.01 26.01 -5.30
C LEU A 466 8.46 26.47 -5.25
N GLU A 467 9.24 25.93 -4.32
CA GLU A 467 10.61 26.37 -4.08
C GLU A 467 11.58 25.30 -4.54
N LEU A 468 12.59 25.70 -5.29
CA LEU A 468 13.61 24.78 -5.79
C LEU A 468 14.13 23.89 -4.67
N LEU A 469 14.19 22.58 -4.95
CA LEU A 469 14.42 21.57 -3.93
C LEU A 469 15.62 20.67 -4.24
N PHE A 470 15.73 20.20 -5.48
CA PHE A 470 16.75 19.25 -5.87
C PHE A 470 17.18 19.63 -7.27
N GLU A 471 18.49 19.59 -7.52
CA GLU A 471 18.99 19.84 -8.86
C GLU A 471 20.32 19.14 -9.07
N ASP A 472 20.41 18.37 -10.15
CA ASP A 472 21.64 17.77 -10.60
C ASP A 472 22.33 16.99 -9.47
N GLY A 473 21.54 16.18 -8.80
CA GLY A 473 22.06 15.32 -7.78
C GLY A 473 22.13 15.92 -6.39
N LYS A 474 21.90 17.22 -6.22
CA LYS A 474 22.05 17.87 -4.93
C LYS A 474 20.68 18.23 -4.33
N LEU A 475 20.47 17.83 -3.08
CA LEU A 475 19.35 18.37 -2.29
C LEU A 475 19.71 19.80 -1.91
N LEU A 476 19.03 20.75 -2.50
CA LEU A 476 19.41 22.15 -2.36
C LEU A 476 18.79 22.82 -1.16
N ARG A 477 17.80 22.19 -0.54
CA ARG A 477 17.02 22.84 0.51
C ARG A 477 16.49 21.73 1.40
N GLN A 478 16.88 21.75 2.67
CA GLN A 478 16.48 20.66 3.55
C GLN A 478 15.82 21.21 4.80
N THR A 479 14.83 20.45 5.26
CA THR A 479 14.02 20.76 6.41
C THR A 479 14.19 19.64 7.45
N ASP A 480 13.74 19.90 8.66
CA ASP A 480 13.67 18.86 9.68
C ASP A 480 12.23 18.81 10.18
N PHE A 481 11.95 17.82 11.04
CA PHE A 481 10.56 17.53 11.32
C PHE A 481 9.95 18.64 12.17
N ASP A 482 10.79 19.44 12.82
CA ASP A 482 10.32 20.59 13.58
C ASP A 482 9.79 21.70 12.66
N GLU A 483 10.55 22.05 11.60
CA GLU A 483 10.06 23.04 10.66
C GLU A 483 8.74 22.59 10.04
N ILE A 484 8.63 21.30 9.71
CA ILE A 484 7.41 20.76 9.11
C ILE A 484 6.23 20.99 10.05
N ARG A 485 6.42 20.66 11.33
CA ARG A 485 5.33 20.85 12.29
C ARG A 485 5.04 22.33 12.52
N GLN A 486 6.08 23.17 12.52
CA GLN A 486 5.87 24.59 12.65
C GLN A 486 5.08 25.15 11.49
N ASN A 487 5.42 24.75 10.25
CA ASN A 487 4.70 25.25 9.09
C ASN A 487 3.24 24.89 9.18
N LEU A 488 2.96 23.75 9.78
CA LEU A 488 1.62 23.20 9.81
C LEU A 488 0.81 23.88 10.91
N LEU A 489 1.49 24.29 11.98
CA LEU A 489 0.84 25.05 13.05
C LEU A 489 0.36 26.40 12.53
N VAL A 490 1.24 27.14 11.85
CA VAL A 490 0.86 28.44 11.29
C VAL A 490 -0.25 28.24 10.25
N SER A 491 -0.18 27.14 9.50
CA SER A 491 -1.26 26.81 8.57
C SER A 491 -2.59 26.62 9.30
N LEU B 5 18.66 -9.96 -4.44
CA LEU B 5 19.81 -10.05 -5.36
C LEU B 5 20.87 -8.98 -5.05
N ASN B 6 21.45 -8.34 -6.09
CA ASN B 6 22.68 -7.56 -5.92
C ASN B 6 22.48 -6.05 -5.80
N TYR B 7 21.27 -5.56 -5.57
CA TYR B 7 21.09 -4.15 -5.27
C TYR B 7 20.72 -4.01 -3.79
N SER B 8 20.65 -2.75 -3.35
CA SER B 8 20.45 -2.50 -1.92
C SER B 8 19.76 -1.15 -1.70
N SER B 9 18.88 -1.10 -0.69
CA SER B 9 18.25 0.13 -0.21
C SER B 9 18.75 0.45 1.18
N ARG B 10 18.87 1.75 1.47
CA ARG B 10 19.21 2.16 2.81
C ARG B 10 17.96 2.07 3.67
N ALA B 11 18.13 1.54 4.89
CA ALA B 11 17.01 1.25 5.76
C ALA B 11 17.19 1.97 7.09
N SER B 12 16.06 2.27 7.73
CA SER B 12 16.01 2.89 9.03
C SER B 12 15.40 1.99 10.11
N ALA B 13 14.61 0.98 9.72
CA ALA B 13 13.85 0.19 10.70
C ALA B 13 14.79 -0.66 11.55
N ILE B 14 14.66 -0.53 12.86
CA ILE B 14 15.50 -1.30 13.79
C ILE B 14 14.95 -2.72 13.87
N PRO B 15 15.76 -3.74 13.53
CA PRO B 15 15.28 -5.13 13.55
C PRO B 15 14.58 -5.52 14.83
N SER B 16 15.10 -5.14 16.00
CA SER B 16 14.52 -5.61 17.24
C SER B 16 13.30 -4.79 17.65
N LEU B 17 12.96 -3.78 16.86
CA LEU B 17 11.80 -2.93 17.06
C LEU B 17 10.96 -2.87 15.79
N LEU B 18 10.83 -4.00 15.08
CA LEU B 18 10.00 -4.10 13.87
C LEU B 18 8.60 -4.59 14.22
N CYS B 19 7.88 -3.75 14.92
CA CYS B 19 6.61 -4.20 15.48
C CYS B 19 5.83 -2.97 15.89
N ASP B 20 4.55 -3.21 16.17
CA ASP B 20 3.76 -2.27 16.95
C ASP B 20 4.44 -2.05 18.30
N PHE B 21 4.51 -0.80 18.72
CA PHE B 21 5.18 -0.46 19.98
C PHE B 21 4.73 -1.34 21.14
N TYR B 22 3.42 -1.62 21.24
CA TYR B 22 2.89 -2.27 22.43
C TYR B 22 3.39 -3.71 22.56
N LYS B 23 3.90 -4.29 21.48
CA LYS B 23 4.48 -5.63 21.58
C LYS B 23 5.73 -5.65 22.44
N THR B 24 6.45 -4.52 22.57
CA THR B 24 7.60 -4.54 23.47
C THR B 24 7.15 -4.79 24.90
N SER B 25 5.93 -4.36 25.26
CA SER B 25 5.43 -4.53 26.62
C SER B 25 4.82 -5.90 26.90
N HIS B 26 4.67 -6.77 25.91
CA HIS B 26 3.90 -7.99 26.14
C HIS B 26 4.70 -9.10 26.79
N ARG B 27 6.02 -9.11 26.63
CA ARG B 27 6.82 -10.22 27.15
C ARG B 27 6.56 -10.44 28.63
N ILE B 28 6.59 -9.35 29.42
CA ILE B 28 6.39 -9.48 30.86
C ILE B 28 4.93 -9.52 31.27
N MET B 29 3.99 -9.21 30.37
CA MET B 29 2.58 -9.39 30.72
C MET B 29 2.15 -10.84 30.65
N TYR B 30 2.90 -11.70 29.96
CA TYR B 30 2.55 -13.11 29.84
C TYR B 30 2.74 -13.81 31.19
N PRO B 31 2.01 -14.91 31.42
CA PRO B 31 2.16 -15.64 32.69
C PRO B 31 3.59 -16.11 32.91
N GLU B 32 3.92 -16.32 34.18
CA GLU B 32 5.24 -16.85 34.50
C GLU B 32 5.26 -18.32 34.09
N CYS B 33 6.44 -18.79 33.66
CA CYS B 33 6.64 -20.14 33.14
C CYS B 33 5.96 -20.34 31.79
N SER B 34 5.71 -19.23 31.07
CA SER B 34 5.27 -19.32 29.69
C SER B 34 6.41 -19.83 28.82
N GLN B 35 6.10 -20.74 27.90
CA GLN B 35 7.14 -21.41 27.13
C GLN B 35 6.93 -21.31 25.63
N ILE B 36 5.72 -21.61 25.16
CA ILE B 36 5.44 -21.67 23.72
C ILE B 36 4.17 -20.88 23.41
N ILE B 37 4.27 -20.00 22.41
CA ILE B 37 3.13 -19.37 21.75
C ILE B 37 3.01 -19.97 20.36
N TYR B 38 1.80 -20.41 20.02
CA TYR B 38 1.50 -20.98 18.72
C TYR B 38 0.44 -20.11 18.05
N SER B 39 0.71 -19.68 16.82
CA SER B 39 -0.17 -18.74 16.15
C SER B 39 -0.51 -19.22 14.74
N THR B 40 -1.64 -18.70 14.26
CA THR B 40 -2.23 -19.06 12.98
C THR B 40 -2.46 -17.81 12.13
N PHE B 41 -2.24 -17.92 10.81
CA PHE B 41 -2.54 -16.83 9.87
C PHE B 41 -3.68 -17.26 8.95
N THR B 42 -4.80 -16.53 8.99
CA THR B 42 -6.04 -17.01 8.33
C THR B 42 -6.79 -15.94 7.54
N PRO B 43 -7.17 -16.24 6.29
CA PRO B 43 -8.14 -15.37 5.60
C PRO B 43 -9.54 -15.71 6.08
N ARG B 44 -10.06 -14.91 7.01
CA ARG B 44 -11.26 -15.28 7.77
C ARG B 44 -12.57 -14.98 7.07
N SER B 45 -12.60 -14.06 6.10
CA SER B 45 -13.90 -13.69 5.54
C SER B 45 -13.72 -13.03 4.20
N ASN B 46 -14.65 -13.28 3.28
CA ASN B 46 -14.67 -12.59 2.00
C ASN B 46 -15.99 -11.88 1.72
N GLU B 47 -16.75 -11.50 2.75
CA GLU B 47 -17.96 -10.73 2.48
C GLU B 47 -17.67 -9.43 1.74
N GLN B 48 -16.51 -8.82 1.96
CA GLN B 48 -16.19 -7.62 1.19
C GLN B 48 -15.83 -7.91 -0.27
N ALA B 49 -15.57 -9.18 -0.64
CA ALA B 49 -15.25 -9.55 -2.02
C ALA B 49 -15.66 -11.00 -2.24
N PRO B 50 -16.96 -11.26 -2.38
CA PRO B 50 -17.42 -12.65 -2.43
C PRO B 50 -16.91 -13.42 -3.62
N TYR B 51 -16.47 -12.73 -4.67
CA TYR B 51 -15.92 -13.46 -5.81
C TYR B 51 -14.59 -14.12 -5.48
N LEU B 52 -13.96 -13.77 -4.36
CA LEU B 52 -12.73 -14.42 -3.91
C LEU B 52 -13.10 -15.63 -3.07
N THR B 53 -13.37 -16.73 -3.77
CA THR B 53 -13.70 -18.00 -3.15
C THR B 53 -12.48 -18.89 -2.95
N GLN B 54 -11.35 -18.56 -3.57
CA GLN B 54 -10.13 -19.30 -3.37
C GLN B 54 -9.05 -18.31 -2.96
N VAL B 55 -8.35 -18.61 -1.88
CA VAL B 55 -7.23 -17.81 -1.45
C VAL B 55 -5.98 -18.52 -1.95
N VAL B 56 -5.17 -17.80 -2.72
CA VAL B 56 -3.96 -18.34 -3.31
C VAL B 56 -2.81 -18.10 -2.33
N SER B 57 -2.16 -19.17 -1.88
CA SER B 57 -0.99 -18.98 -1.03
C SER B 57 0.14 -18.39 -1.87
N PHE B 58 0.60 -17.20 -1.49
CA PHE B 58 1.74 -16.63 -2.20
C PHE B 58 2.42 -15.57 -1.34
N GLY B 59 3.76 -15.56 -1.39
CA GLY B 59 4.56 -14.52 -0.78
C GLY B 59 5.47 -14.99 0.32
N PHE B 60 5.26 -16.19 0.86
CA PHE B 60 6.00 -16.61 2.03
C PHE B 60 7.50 -16.67 1.76
N GLN B 61 7.90 -17.33 0.67
CA GLN B 61 9.32 -17.52 0.37
C GLN B 61 10.06 -16.18 0.35
N ALA B 62 9.49 -15.21 -0.36
CA ALA B 62 10.08 -13.86 -0.44
C ALA B 62 10.15 -13.25 0.96
N PHE B 63 9.07 -13.34 1.71
CA PHE B 63 9.05 -12.75 3.04
C PHE B 63 10.13 -13.37 3.93
N ILE B 64 10.22 -14.71 3.94
CA ILE B 64 11.21 -15.42 4.74
C ILE B 64 12.61 -14.95 4.40
N ILE B 65 12.90 -14.87 3.10
CA ILE B 65 14.25 -14.55 2.67
C ILE B 65 14.57 -13.08 2.96
N LYS B 66 13.68 -12.17 2.54
CA LYS B 66 13.97 -10.74 2.64
C LYS B 66 14.13 -10.32 4.10
N TYR B 67 13.20 -10.71 4.96
CA TYR B 67 13.13 -10.21 6.33
C TYR B 67 13.70 -11.18 7.35
N LEU B 68 13.15 -12.41 7.42
CA LEU B 68 13.54 -13.29 8.53
C LEU B 68 14.98 -13.78 8.40
N ILE B 69 15.52 -13.88 7.18
CA ILE B 69 16.89 -14.30 6.99
C ILE B 69 17.74 -13.06 6.77
N HIS B 70 17.59 -12.39 5.62
CA HIS B 70 18.54 -11.33 5.25
C HIS B 70 18.45 -10.11 6.17
N TYR B 71 17.24 -9.58 6.41
CA TYR B 71 17.14 -8.34 7.19
C TYR B 71 17.68 -8.53 8.60
N PHE B 72 17.38 -9.69 9.22
CA PHE B 72 17.87 -9.91 10.57
C PHE B 72 19.34 -10.27 10.59
N ASN B 73 19.79 -11.04 9.60
CA ASN B 73 21.21 -11.36 9.54
C ASN B 73 22.02 -10.12 9.24
N ASP B 74 21.59 -9.33 8.24
CA ASP B 74 22.35 -8.16 7.84
C ASP B 74 22.42 -7.14 8.96
N ASN B 75 21.31 -6.91 9.64
CA ASN B 75 21.16 -5.77 10.52
C ASN B 75 21.06 -6.12 12.00
N PHE B 76 21.03 -7.40 12.37
CA PHE B 76 20.96 -7.73 13.78
C PHE B 76 22.05 -8.72 14.15
N PHE B 77 21.97 -9.98 13.68
CA PHE B 77 22.92 -10.98 14.13
C PHE B 77 24.33 -10.68 13.68
N SER B 78 24.49 -10.05 12.51
CA SER B 78 25.81 -9.64 12.06
C SER B 78 26.37 -8.47 12.86
N ARG B 79 25.52 -7.64 13.47
CA ARG B 79 26.06 -6.46 14.13
C ARG B 79 26.54 -6.79 15.55
N ASP B 80 27.28 -5.85 16.10
CA ASP B 80 27.86 -5.99 17.44
C ASP B 80 26.74 -6.07 18.47
N LYS B 81 26.84 -7.02 19.40
CA LYS B 81 25.76 -7.20 20.38
C LYS B 81 25.56 -5.96 21.25
N HIS B 82 26.64 -5.39 21.79
CA HIS B 82 26.51 -4.24 22.68
C HIS B 82 25.80 -3.06 22.00
N ASP B 83 26.15 -2.77 20.74
CA ASP B 83 25.52 -1.67 20.03
C ASP B 83 24.03 -1.92 19.82
N VAL B 84 23.67 -3.15 19.42
CA VAL B 84 22.29 -3.48 19.15
C VAL B 84 21.44 -3.37 20.41
N VAL B 85 21.95 -3.85 21.54
CA VAL B 85 21.17 -3.81 22.78
C VAL B 85 21.09 -2.39 23.32
N THR B 86 22.18 -1.62 23.23
CA THR B 86 22.16 -0.26 23.73
C THR B 86 21.16 0.60 22.97
N GLU B 87 21.06 0.38 21.65
CA GLU B 87 20.05 1.06 20.85
C GLU B 87 18.64 0.71 21.31
N TYR B 88 18.37 -0.58 21.55
CA TYR B 88 17.04 -0.98 21.99
C TYR B 88 16.70 -0.33 23.32
N SER B 89 17.61 -0.41 24.29
CA SER B 89 17.37 0.17 25.61
C SER B 89 17.13 1.66 25.52
N ALA B 90 17.98 2.36 24.76
CA ALA B 90 17.86 3.80 24.66
C ALA B 90 16.52 4.22 24.07
N PHE B 91 16.02 3.45 23.08
CA PHE B 91 14.74 3.79 22.48
C PHE B 91 13.61 3.66 23.49
N ILE B 92 13.59 2.56 24.22
CA ILE B 92 12.57 2.37 25.24
C ILE B 92 12.65 3.44 26.31
N GLU B 93 13.84 3.99 26.60
CA GLU B 93 13.81 5.08 27.58
C GLU B 93 13.22 6.40 27.03
N LYS B 94 13.64 6.84 25.85
CA LYS B 94 13.06 8.07 25.30
C LYS B 94 11.57 7.93 25.00
N THR B 95 11.22 6.94 24.20
CA THR B 95 9.85 6.72 23.75
C THR B 95 9.26 5.72 24.72
N LEU B 96 8.25 6.12 25.52
CA LEU B 96 7.95 5.40 26.76
C LEU B 96 9.06 5.72 27.76
N GLN B 97 8.77 5.69 29.05
CA GLN B 97 9.77 6.11 30.05
C GLN B 97 9.92 4.98 31.04
N LEU B 98 10.66 3.95 30.64
CA LEU B 98 10.90 2.79 31.47
C LEU B 98 12.31 2.28 31.21
N GLU B 99 12.87 1.55 32.17
CA GLU B 99 14.19 0.95 32.00
C GLU B 99 14.02 -0.46 31.46
N ASP B 100 14.32 -0.66 30.19
CA ASP B 100 14.40 -1.99 29.61
C ASP B 100 15.88 -2.27 29.33
N THR B 101 16.46 -3.19 30.08
CA THR B 101 17.87 -3.48 29.86
C THR B 101 18.12 -4.20 28.53
N GLY B 102 17.07 -4.74 27.89
CA GLY B 102 17.18 -5.44 26.63
C GLY B 102 17.90 -6.77 26.72
N GLU B 103 17.92 -7.33 27.91
CA GLU B 103 18.55 -8.63 28.12
C GLU B 103 17.95 -9.75 27.25
N HIS B 104 16.64 -9.73 27.01
CA HIS B 104 16.05 -10.68 26.07
C HIS B 104 16.54 -10.46 24.63
N ILE B 105 16.78 -9.20 24.23
CA ILE B 105 17.34 -8.93 22.90
C ILE B 105 18.75 -9.51 22.80
N ALA B 106 19.55 -9.33 23.85
CA ALA B 106 20.89 -9.91 23.86
C ALA B 106 20.85 -11.44 23.82
N LYS B 107 19.95 -12.06 24.58
CA LYS B 107 19.85 -13.51 24.53
C LYS B 107 19.53 -13.98 23.12
N LEU B 108 18.57 -13.31 22.46
CA LEU B 108 18.28 -13.60 21.06
C LEU B 108 19.52 -13.44 20.20
N HIS B 109 20.26 -12.35 20.41
CA HIS B 109 21.46 -12.12 19.61
C HIS B 109 22.46 -13.26 19.76
N GLU B 110 22.71 -13.69 21.01
CA GLU B 110 23.60 -14.81 21.26
C GLU B 110 23.11 -16.08 20.59
N LEU B 111 21.79 -16.22 20.43
CA LEU B 111 21.27 -17.41 19.78
C LEU B 111 21.72 -17.49 18.33
N GLY B 112 21.82 -16.34 17.65
CA GLY B 112 22.30 -16.28 16.28
C GLY B 112 21.24 -16.47 15.20
N TYR B 113 20.00 -16.82 15.57
CA TYR B 113 18.93 -17.04 14.60
C TYR B 113 17.60 -16.86 15.31
N LEU B 114 16.53 -16.77 14.52
CA LEU B 114 15.20 -16.72 15.10
C LEU B 114 14.73 -18.11 15.51
N PRO B 115 14.54 -18.36 16.83
CA PRO B 115 13.98 -19.65 17.25
C PRO B 115 12.53 -19.76 16.84
N ILE B 116 12.30 -19.83 15.55
CA ILE B 116 10.97 -19.71 14.97
C ILE B 116 10.76 -20.88 14.02
N ARG B 117 9.57 -21.47 14.12
CA ARG B 117 9.17 -22.54 13.24
C ARG B 117 7.84 -22.22 12.57
N ILE B 118 7.84 -22.29 11.24
CA ILE B 118 6.74 -21.81 10.41
C ILE B 118 6.33 -22.91 9.45
N LYS B 119 5.03 -23.22 9.42
CA LYS B 119 4.43 -24.10 8.44
C LYS B 119 3.49 -23.27 7.57
N ALA B 120 3.51 -23.53 6.26
CA ALA B 120 2.66 -22.75 5.35
C ALA B 120 2.17 -23.65 4.23
N ILE B 121 1.05 -23.26 3.64
CA ILE B 121 0.55 -23.95 2.46
C ILE B 121 1.47 -23.69 1.26
N PRO B 122 1.85 -24.71 0.48
CA PRO B 122 2.70 -24.50 -0.70
C PRO B 122 2.16 -23.44 -1.65
N GLU B 123 3.05 -22.56 -2.10
CA GLU B 123 2.63 -21.41 -2.87
C GLU B 123 2.12 -21.83 -4.24
N GLY B 124 0.97 -21.31 -4.63
CA GLY B 124 0.30 -21.77 -5.81
C GLY B 124 -0.86 -22.70 -5.51
N LYS B 125 -0.83 -23.38 -4.37
CA LYS B 125 -2.02 -24.07 -3.92
C LYS B 125 -3.02 -23.07 -3.34
N THR B 126 -4.30 -23.43 -3.38
CA THR B 126 -5.34 -22.53 -2.92
C THR B 126 -6.20 -23.25 -1.88
N VAL B 127 -6.84 -22.45 -1.03
CA VAL B 127 -7.67 -22.96 0.05
C VAL B 127 -8.91 -22.09 0.12
N ALA B 128 -9.98 -22.68 0.67
CA ALA B 128 -11.20 -21.94 0.90
C ALA B 128 -11.01 -20.87 1.99
N ILE B 129 -11.89 -19.86 1.95
CA ILE B 129 -11.99 -18.91 3.04
C ILE B 129 -12.10 -19.66 4.37
N LYS B 130 -11.48 -19.10 5.41
CA LYS B 130 -11.48 -19.54 6.81
C LYS B 130 -10.50 -20.68 7.06
N VAL B 131 -9.71 -21.09 6.07
CA VAL B 131 -8.74 -22.17 6.23
C VAL B 131 -7.39 -21.53 6.55
N PRO B 132 -6.69 -21.96 7.60
CA PRO B 132 -5.36 -21.39 7.90
C PRO B 132 -4.40 -21.58 6.74
N VAL B 133 -3.60 -20.55 6.47
CA VAL B 133 -2.56 -20.66 5.44
C VAL B 133 -1.18 -20.68 6.03
N MET B 134 -1.03 -20.41 7.32
CA MET B 134 0.29 -20.38 7.93
C MET B 134 0.14 -20.56 9.43
N THR B 135 1.14 -21.21 10.02
CA THR B 135 1.27 -21.31 11.46
C THR B 135 2.70 -20.93 11.82
N ILE B 136 2.86 -20.40 13.03
CA ILE B 136 4.16 -20.00 13.52
C ILE B 136 4.22 -20.35 15.00
N GLU B 137 5.42 -20.70 15.48
CA GLU B 137 5.63 -20.93 16.89
C GLU B 137 7.10 -20.77 17.20
N ASN B 138 7.41 -20.61 18.48
CA ASN B 138 8.79 -20.53 18.90
C ASN B 138 9.32 -21.91 19.28
N THR B 139 10.61 -22.11 19.07
CA THR B 139 11.24 -23.40 19.26
C THR B 139 12.14 -23.43 20.48
N HIS B 140 12.18 -22.34 21.24
CA HIS B 140 13.02 -22.27 22.42
C HIS B 140 12.21 -21.57 23.50
N SER B 141 12.24 -22.15 24.71
CA SER B 141 11.29 -21.76 25.76
C SER B 141 11.44 -20.31 26.19
N ASP B 142 12.66 -19.77 26.17
CA ASP B 142 12.90 -18.39 26.58
C ASP B 142 12.27 -17.36 25.66
N PHE B 143 11.79 -17.75 24.48
CA PHE B 143 11.34 -16.82 23.46
C PHE B 143 9.87 -16.99 23.12
N PHE B 144 9.08 -17.41 24.10
CA PHE B 144 7.62 -17.44 23.96
C PHE B 144 7.08 -16.13 23.39
N TRP B 145 7.67 -15.00 23.80
CA TRP B 145 7.21 -13.68 23.37
C TRP B 145 7.43 -13.42 21.88
N LEU B 146 8.35 -14.15 21.24
CA LEU B 146 8.77 -13.81 19.89
C LEU B 146 7.70 -14.09 18.84
N THR B 147 6.85 -15.10 19.05
CA THR B 147 5.86 -15.48 18.05
C THR B 147 4.95 -14.33 17.65
N ASN B 148 4.12 -13.86 18.60
CA ASN B 148 3.26 -12.69 18.39
C ASN B 148 4.04 -11.38 18.25
N TYR B 149 5.26 -11.31 18.80
CA TYR B 149 6.08 -10.12 18.57
C TYR B 149 6.20 -9.85 17.07
N LEU B 150 6.24 -10.91 16.26
CA LEU B 150 6.38 -10.83 14.81
C LEU B 150 5.06 -10.67 14.09
N GLU B 151 3.93 -10.58 14.80
CA GLU B 151 2.64 -10.48 14.12
C GLU B 151 2.62 -9.29 13.18
N THR B 152 3.17 -8.17 13.62
CA THR B 152 3.06 -6.94 12.84
C THR B 152 3.84 -7.06 11.54
N LEU B 153 5.08 -7.55 11.61
CA LEU B 153 5.89 -7.69 10.41
C LEU B 153 5.30 -8.73 9.46
N ILE B 154 4.68 -9.78 10.00
CA ILE B 154 4.11 -10.81 9.14
C ILE B 154 3.00 -10.26 8.28
N ASN B 155 1.99 -9.62 8.87
CA ASN B 155 0.97 -9.30 7.88
C ASN B 155 1.13 -7.95 7.24
N VAL B 156 1.96 -7.04 7.78
CA VAL B 156 2.26 -5.89 6.94
C VAL B 156 2.90 -6.33 5.63
N SER B 157 3.53 -7.50 5.58
CA SER B 157 4.19 -7.87 4.34
C SER B 157 3.57 -9.08 3.62
N LEU B 158 2.58 -9.76 4.18
CA LEU B 158 2.04 -10.93 3.49
C LEU B 158 0.60 -10.80 2.98
N TRP B 159 -0.25 -9.98 3.61
CA TRP B 159 -1.65 -9.97 3.20
C TRP B 159 -1.82 -9.40 1.80
N GLN B 160 -0.94 -8.46 1.39
CA GLN B 160 -1.07 -7.86 0.07
C GLN B 160 -0.74 -8.83 -1.05
N PRO B 161 0.41 -9.54 -1.04
CA PRO B 161 0.66 -10.49 -2.14
C PRO B 161 -0.42 -11.55 -2.27
N MET B 162 -0.98 -12.05 -1.16
CA MET B 162 -2.02 -13.06 -1.30
C MET B 162 -3.32 -12.46 -1.80
N THR B 163 -3.67 -11.26 -1.33
CA THR B 163 -4.87 -10.63 -1.86
C THR B 163 -4.72 -10.36 -3.35
N SER B 164 -3.57 -9.84 -3.76
CA SER B 164 -3.33 -9.64 -5.18
C SER B 164 -3.40 -10.96 -5.95
N ALA B 165 -2.70 -12.00 -5.46
CA ALA B 165 -2.73 -13.30 -6.14
C ALA B 165 -4.13 -13.87 -6.21
N SER B 166 -4.91 -13.74 -5.12
CA SER B 166 -6.27 -14.28 -5.10
C SER B 166 -7.20 -13.49 -6.02
N ILE B 167 -6.99 -12.18 -6.15
CA ILE B 167 -7.75 -11.36 -7.09
C ILE B 167 -7.41 -11.76 -8.52
N ALA B 168 -6.12 -11.92 -8.82
CA ALA B 168 -5.70 -12.37 -10.15
C ALA B 168 -6.37 -13.70 -10.51
N PHE B 169 -6.36 -14.65 -9.58
CA PHE B 169 -6.99 -15.96 -9.81
C PHE B 169 -8.48 -15.82 -10.11
N ALA B 170 -9.18 -14.97 -9.36
CA ALA B 170 -10.61 -14.76 -9.60
C ALA B 170 -10.85 -14.17 -10.99
N TYR B 171 -10.02 -13.21 -11.41
CA TYR B 171 -10.11 -12.68 -12.77
C TYR B 171 -9.98 -13.79 -13.81
N ARG B 172 -8.94 -14.63 -13.66
CA ARG B 172 -8.74 -15.70 -14.63
C ARG B 172 -9.94 -16.63 -14.65
N THR B 173 -10.49 -16.94 -13.48
CA THR B 173 -11.69 -17.78 -13.40
C THR B 173 -12.80 -17.22 -14.28
N ALA B 174 -13.10 -15.92 -14.12
CA ALA B 174 -14.11 -15.28 -14.95
C ALA B 174 -13.72 -15.30 -16.42
N LEU B 175 -12.45 -15.04 -16.75
CA LEU B 175 -12.01 -15.00 -18.15
C LEU B 175 -12.12 -16.37 -18.81
N ILE B 176 -11.78 -17.44 -18.09
CA ILE B 176 -11.93 -18.79 -18.60
C ILE B 176 -13.41 -19.12 -18.81
N LYS B 177 -14.25 -18.79 -17.81
CA LYS B 177 -15.68 -19.02 -17.96
C LYS B 177 -16.22 -18.39 -19.24
N PHE B 178 -15.80 -17.16 -19.54
CA PHE B 178 -16.30 -16.50 -20.74
C PHE B 178 -15.72 -17.11 -22.00
N ALA B 179 -14.45 -17.52 -21.95
CA ALA B 179 -13.83 -18.15 -23.12
C ALA B 179 -14.53 -19.47 -23.47
N ASN B 180 -14.95 -20.21 -22.45
CA ASN B 180 -15.65 -21.46 -22.70
C ASN B 180 -16.95 -21.22 -23.46
N GLU B 181 -17.63 -20.10 -23.21
CA GLU B 181 -18.78 -19.80 -24.04
C GLU B 181 -18.45 -19.08 -25.33
N THR B 182 -17.50 -18.14 -25.36
CA THR B 182 -17.41 -17.32 -26.56
C THR B 182 -16.23 -17.69 -27.46
N CYS B 183 -15.28 -18.50 -26.99
CA CYS B 183 -14.01 -18.67 -27.69
C CYS B 183 -13.71 -20.14 -27.96
N ASP B 184 -13.05 -20.39 -29.09
CA ASP B 184 -12.72 -21.77 -29.43
C ASP B 184 -11.60 -22.32 -28.56
N ASN B 185 -10.67 -21.47 -28.13
CA ASN B 185 -9.58 -21.87 -27.25
C ASN B 185 -9.42 -20.79 -26.18
N GLN B 186 -8.46 -21.00 -25.29
CA GLN B 186 -8.18 -20.04 -24.23
C GLN B 186 -6.77 -19.50 -24.35
N GLU B 187 -6.27 -19.41 -25.58
CA GLU B 187 -4.91 -18.92 -25.78
C GLU B 187 -4.75 -17.46 -25.39
N HIS B 188 -5.82 -16.68 -25.40
CA HIS B 188 -5.69 -15.26 -25.08
C HIS B 188 -5.65 -14.98 -23.59
N VAL B 189 -6.09 -15.94 -22.76
CA VAL B 189 -6.34 -15.65 -21.35
C VAL B 189 -5.10 -15.22 -20.59
N PRO B 190 -3.93 -15.83 -20.76
CA PRO B 190 -2.76 -15.37 -19.99
C PRO B 190 -2.40 -13.93 -20.26
N PHE B 191 -2.89 -13.33 -21.34
CA PHE B 191 -2.59 -11.95 -21.68
C PHE B 191 -3.76 -11.01 -21.49
N GLN B 192 -4.92 -11.49 -21.03
CA GLN B 192 -6.13 -10.68 -21.08
C GLN B 192 -6.23 -9.71 -19.92
N SER B 193 -5.50 -9.95 -18.84
CA SER B 193 -5.43 -9.05 -17.70
C SER B 193 -3.99 -8.53 -17.59
N HIS B 194 -3.75 -7.31 -18.04
CA HIS B 194 -2.40 -6.73 -18.03
C HIS B 194 -2.24 -5.78 -16.85
N ASP B 195 -1.20 -5.98 -16.04
CA ASP B 195 -1.03 -5.20 -14.83
C ASP B 195 -0.60 -3.77 -15.16
N PHE B 196 -1.46 -2.81 -14.82
CA PHE B 196 -1.26 -1.37 -15.02
C PHE B 196 -1.02 -0.62 -13.71
N SER B 197 -0.92 -1.33 -12.58
CA SER B 197 -1.20 -0.72 -11.29
C SER B 197 -0.02 0.04 -10.66
N MET B 198 1.20 -0.05 -11.20
CA MET B 198 2.37 0.36 -10.42
C MET B 198 2.27 1.79 -9.88
N ARG B 199 1.97 2.76 -10.76
CA ARG B 199 1.98 4.17 -10.36
C ARG B 199 0.95 4.47 -9.24
N GLY B 200 -0.08 3.64 -9.09
CA GLY B 200 -1.12 3.83 -8.11
C GLY B 200 -1.00 3.02 -6.84
N MET B 201 0.01 2.15 -6.75
CA MET B 201 0.33 1.42 -5.54
C MET B 201 0.90 2.37 -4.48
N SER B 202 0.78 1.98 -3.21
CA SER B 202 1.11 2.89 -2.13
C SER B 202 2.62 3.03 -1.89
N SER B 203 3.45 2.11 -2.42
CA SER B 203 4.90 2.25 -2.38
C SER B 203 5.51 1.23 -3.34
N LEU B 204 6.82 1.38 -3.61
CA LEU B 204 7.51 0.45 -4.51
C LEU B 204 7.46 -0.97 -3.97
N GLU B 205 7.67 -1.13 -2.65
CA GLU B 205 7.59 -2.46 -2.04
C GLU B 205 6.21 -3.08 -2.24
N SER B 206 5.15 -2.30 -2.03
CA SER B 206 3.81 -2.80 -2.32
C SER B 206 3.63 -3.07 -3.81
N ALA B 207 4.31 -2.31 -4.68
CA ALA B 207 4.22 -2.57 -6.11
C ALA B 207 4.87 -3.91 -6.48
N GLU B 208 5.98 -4.26 -5.83
CA GLU B 208 6.64 -5.53 -6.17
C GLU B 208 5.79 -6.72 -5.76
N THR B 209 5.29 -6.75 -4.52
CA THR B 209 4.59 -7.94 -4.06
C THR B 209 3.20 -8.06 -4.66
N SER B 210 2.50 -6.93 -4.88
CA SER B 210 1.21 -7.01 -5.56
C SER B 210 1.39 -7.37 -7.03
N GLY B 211 2.43 -6.81 -7.69
CA GLY B 211 2.70 -7.16 -9.07
C GLY B 211 3.08 -8.62 -9.22
N ALA B 212 3.94 -9.11 -8.32
CA ALA B 212 4.28 -10.51 -8.27
C ALA B 212 3.02 -11.37 -8.10
N GLY B 213 2.08 -10.94 -7.26
CA GLY B 213 0.83 -11.69 -7.10
C GLY B 213 0.04 -11.78 -8.39
N HIS B 214 0.02 -10.70 -9.17
CA HIS B 214 -0.66 -10.74 -10.46
C HIS B 214 0.03 -11.74 -11.40
N LEU B 215 1.37 -11.74 -11.41
CA LEU B 215 2.11 -12.64 -12.29
C LEU B 215 1.86 -14.11 -11.98
N THR B 216 1.31 -14.45 -10.82
CA THR B 216 1.06 -15.87 -10.60
C THR B 216 -0.09 -16.41 -11.46
N SER B 217 -0.99 -15.55 -11.95
CA SER B 217 -2.10 -15.95 -12.82
C SER B 217 -2.04 -15.38 -14.23
N PHE B 218 -1.12 -14.46 -14.51
CA PHE B 218 -1.12 -13.76 -15.79
C PHE B 218 0.32 -13.51 -16.19
N LEU B 219 0.55 -13.41 -17.51
CA LEU B 219 1.87 -13.05 -18.01
C LEU B 219 2.04 -11.56 -18.25
N GLY B 220 0.95 -10.81 -18.43
CA GLY B 220 1.06 -9.41 -18.78
C GLY B 220 1.30 -8.49 -17.61
N THR B 221 2.41 -7.77 -17.63
CA THR B 221 2.64 -6.73 -16.64
C THR B 221 3.51 -5.62 -17.23
N ASP B 222 3.19 -4.41 -16.79
CA ASP B 222 3.95 -3.17 -16.89
C ASP B 222 4.76 -2.83 -15.66
N THR B 223 4.61 -3.58 -14.57
CA THR B 223 5.43 -3.40 -13.36
C THR B 223 6.74 -4.16 -13.51
N ILE B 224 7.71 -3.53 -14.21
CA ILE B 224 9.04 -4.15 -14.36
C ILE B 224 9.61 -4.60 -13.03
N PRO B 225 9.58 -3.80 -11.96
CA PRO B 225 10.14 -4.27 -10.68
C PRO B 225 9.45 -5.50 -10.11
N ALA B 226 8.20 -5.79 -10.49
CA ALA B 226 7.61 -7.06 -10.11
C ALA B 226 8.31 -8.22 -10.81
N LEU B 227 8.59 -8.08 -12.11
CA LEU B 227 9.44 -9.07 -12.79
C LEU B 227 10.74 -9.26 -12.04
N SER B 228 11.46 -8.16 -11.75
CA SER B 228 12.76 -8.32 -11.11
C SER B 228 12.63 -8.98 -9.76
N PHE B 229 11.53 -8.70 -9.06
CA PHE B 229 11.26 -9.29 -7.76
C PHE B 229 11.05 -10.79 -7.87
N VAL B 230 10.16 -11.21 -8.77
CA VAL B 230 9.93 -12.63 -8.99
C VAL B 230 11.23 -13.34 -9.37
N GLU B 231 12.07 -12.70 -10.17
CA GLU B 231 13.33 -13.34 -10.51
C GLU B 231 14.24 -13.48 -9.31
N ALA B 232 14.29 -12.46 -8.47
CA ALA B 232 15.26 -12.51 -7.37
C ALA B 232 14.85 -13.52 -6.31
N TYR B 233 13.55 -13.69 -6.05
CA TYR B 233 13.12 -14.54 -4.95
C TYR B 233 12.54 -15.88 -5.37
N TYR B 234 12.10 -16.03 -6.62
CA TYR B 234 11.50 -17.28 -7.04
C TYR B 234 12.17 -17.88 -8.26
N GLY B 235 12.36 -17.13 -9.34
CA GLY B 235 13.00 -17.63 -10.53
C GLY B 235 12.10 -18.52 -11.37
N SER B 236 12.44 -18.60 -12.67
CA SER B 236 11.74 -19.51 -13.57
C SER B 236 12.68 -19.79 -14.73
N SER B 237 12.43 -20.88 -15.44
CA SER B 237 13.26 -21.17 -16.61
C SER B 237 12.96 -20.23 -17.78
N SER B 238 11.67 -19.97 -18.08
CA SER B 238 11.26 -19.12 -19.20
C SER B 238 11.02 -17.67 -18.74
N LEU B 239 10.52 -16.81 -19.64
CA LEU B 239 10.15 -15.45 -19.25
C LEU B 239 9.04 -15.40 -18.21
N ILE B 240 9.25 -14.53 -17.24
CA ILE B 240 8.31 -14.36 -16.15
C ILE B 240 7.08 -13.61 -16.63
N GLY B 241 7.27 -12.57 -17.43
CA GLY B 241 6.16 -11.77 -17.88
C GLY B 241 6.49 -11.10 -19.19
N THR B 242 5.45 -10.55 -19.80
CA THR B 242 5.59 -9.99 -21.13
C THR B 242 4.86 -8.66 -21.18
N SER B 243 5.22 -7.88 -22.20
CA SER B 243 4.54 -6.62 -22.42
C SER B 243 4.88 -6.15 -23.82
N ILE B 244 4.33 -5.00 -24.18
CA ILE B 244 4.42 -4.46 -25.54
C ILE B 244 4.71 -2.98 -25.48
N PRO B 245 5.29 -2.43 -26.54
CA PRO B 245 5.37 -0.97 -26.64
C PRO B 245 3.97 -0.37 -26.72
N ALA B 246 3.81 0.81 -26.10
CA ALA B 246 2.52 1.46 -25.98
C ALA B 246 2.75 2.95 -25.80
N SER B 247 1.97 3.77 -26.50
CA SER B 247 2.12 5.22 -26.36
C SER B 247 1.37 5.73 -25.12
N GLU B 248 1.74 6.92 -24.69
CA GLU B 248 1.04 7.62 -23.62
C GLU B 248 0.58 8.97 -24.15
N HIS B 249 -0.24 9.66 -23.35
CA HIS B 249 -0.83 10.92 -23.79
C HIS B 249 0.23 11.95 -24.14
N SER B 250 1.26 12.08 -23.30
CA SER B 250 2.27 13.11 -23.59
C SER B 250 2.91 12.86 -24.95
N VAL B 251 3.11 11.59 -25.32
CA VAL B 251 3.69 11.27 -26.61
C VAL B 251 2.77 11.73 -27.73
N MET B 252 1.48 11.45 -27.61
CA MET B 252 0.54 11.82 -28.65
C MET B 252 0.49 13.33 -28.83
N SER B 253 0.30 14.07 -27.73
CA SER B 253 0.10 15.49 -27.93
C SER B 253 1.38 16.22 -28.28
N SER B 254 2.54 15.66 -27.92
CA SER B 254 3.80 16.25 -28.36
C SER B 254 3.95 16.19 -29.88
N HIS B 255 3.24 15.29 -30.53
CA HIS B 255 3.22 15.22 -31.98
C HIS B 255 2.16 16.13 -32.59
N GLY B 256 1.45 16.92 -31.79
CA GLY B 256 0.48 17.83 -32.35
C GLY B 256 -0.87 17.20 -32.60
N VAL B 257 -1.68 17.92 -33.39
CA VAL B 257 -3.08 17.56 -33.51
C VAL B 257 -3.40 16.58 -34.63
N ASP B 258 -2.53 16.43 -35.61
CA ASP B 258 -2.79 15.47 -36.69
C ASP B 258 -2.41 14.07 -36.24
N GLU B 259 -3.34 13.37 -35.59
CA GLU B 259 -3.01 12.05 -35.07
C GLU B 259 -2.88 11.00 -36.17
N LEU B 260 -3.45 11.25 -37.35
CA LEU B 260 -3.24 10.32 -38.46
C LEU B 260 -1.75 10.11 -38.72
N SER B 261 -0.97 11.21 -38.73
CA SER B 261 0.49 11.08 -38.87
C SER B 261 1.10 10.35 -37.68
N THR B 262 0.69 10.71 -36.47
CA THR B 262 1.30 10.10 -35.29
C THR B 262 1.09 8.58 -35.28
N PHE B 263 -0.13 8.13 -35.58
CA PHE B 263 -0.35 6.69 -35.69
C PHE B 263 0.64 6.06 -36.66
N ARG B 264 0.73 6.64 -37.84
CA ARG B 264 1.61 6.16 -38.90
C ARG B 264 3.07 6.19 -38.45
N TYR B 265 3.48 7.28 -37.81
CA TYR B 265 4.84 7.44 -37.29
C TYR B 265 5.16 6.36 -36.25
N LEU B 266 4.25 6.16 -35.28
CA LEU B 266 4.49 5.20 -34.21
C LEU B 266 4.50 3.77 -34.75
N MET B 267 3.67 3.49 -35.74
CA MET B 267 3.66 2.17 -36.35
C MET B 267 4.97 1.87 -37.10
N ALA B 268 5.59 2.88 -37.70
CA ALA B 268 6.88 2.69 -38.33
C ALA B 268 7.98 2.42 -37.30
N LYS B 269 7.82 2.96 -36.08
CA LYS B 269 8.84 2.75 -35.05
C LYS B 269 8.80 1.32 -34.53
N PHE B 270 7.65 0.67 -34.59
CA PHE B 270 7.51 -0.71 -34.14
C PHE B 270 6.89 -1.52 -35.26
N PRO B 271 7.68 -1.79 -36.33
CA PRO B 271 7.12 -2.53 -37.48
C PRO B 271 6.81 -3.99 -37.18
N HIS B 272 7.48 -4.62 -36.22
CA HIS B 272 7.29 -6.06 -36.01
C HIS B 272 6.91 -6.41 -34.58
N ASN B 273 6.33 -5.46 -33.84
CA ASN B 273 5.89 -5.67 -32.48
C ASN B 273 4.41 -5.34 -32.39
N MET B 274 3.72 -5.95 -31.43
CA MET B 274 2.41 -5.45 -31.05
C MET B 274 2.56 -4.06 -30.48
N LEU B 275 1.58 -3.19 -30.72
CA LEU B 275 1.72 -1.78 -30.39
C LEU B 275 0.37 -1.19 -29.98
N SER B 276 0.31 -0.72 -28.74
CA SER B 276 -0.86 -0.06 -28.22
C SER B 276 -0.72 1.45 -28.42
N ILE B 277 -1.79 2.09 -28.91
CA ILE B 277 -1.79 3.52 -29.11
C ILE B 277 -2.99 4.10 -28.37
N VAL B 278 -2.73 4.91 -27.34
CA VAL B 278 -3.81 5.61 -26.64
C VAL B 278 -4.43 6.62 -27.60
N SER B 279 -5.75 6.58 -27.72
CA SER B 279 -6.40 7.18 -28.88
C SER B 279 -7.34 8.33 -28.55
N ASP B 280 -7.44 8.76 -27.31
CA ASP B 280 -8.42 9.77 -26.92
C ASP B 280 -7.77 11.08 -26.50
N THR B 281 -6.53 11.33 -26.89
CA THR B 281 -5.85 12.55 -26.48
C THR B 281 -6.58 13.80 -26.99
N THR B 282 -7.11 13.74 -28.21
CA THR B 282 -7.78 14.89 -28.81
C THR B 282 -9.24 14.57 -29.13
N ASP B 283 -9.50 13.65 -30.06
CA ASP B 283 -10.86 13.28 -30.47
C ASP B 283 -10.88 11.79 -30.76
N PHE B 284 -11.30 11.00 -29.78
CA PHE B 284 -11.29 9.55 -29.87
C PHE B 284 -12.11 9.06 -31.07
N TRP B 285 -13.38 9.43 -31.14
CA TRP B 285 -14.19 8.89 -32.22
C TRP B 285 -13.77 9.41 -33.58
N HIS B 286 -13.01 10.50 -33.65
CA HIS B 286 -12.42 10.88 -34.91
C HIS B 286 -11.37 9.87 -35.35
N ASN B 287 -10.52 9.45 -34.40
CA ASN B 287 -9.54 8.41 -34.67
C ASN B 287 -10.21 7.13 -35.15
N ILE B 288 -11.28 6.71 -34.46
CA ILE B 288 -11.93 5.44 -34.75
C ILE B 288 -12.65 5.49 -36.09
N THR B 289 -13.43 6.53 -36.35
CA THR B 289 -14.29 6.52 -37.52
C THR B 289 -13.65 7.15 -38.76
N VAL B 290 -12.60 7.95 -38.60
CA VAL B 290 -11.95 8.62 -39.73
C VAL B 290 -10.58 8.02 -40.03
N ASN B 291 -9.66 8.07 -39.06
CA ASN B 291 -8.28 7.70 -39.36
C ASN B 291 -8.12 6.20 -39.50
N LEU B 292 -8.83 5.42 -38.69
CA LEU B 292 -8.70 3.96 -38.79
C LEU B 292 -9.05 3.44 -40.19
N PRO B 293 -10.13 3.90 -40.85
CA PRO B 293 -10.32 3.50 -42.25
C PRO B 293 -9.16 3.91 -43.14
N LEU B 294 -8.62 5.13 -42.97
CA LEU B 294 -7.48 5.55 -43.79
C LEU B 294 -6.23 4.70 -43.54
N LEU B 295 -6.12 4.11 -42.35
CA LEU B 295 -4.98 3.30 -42.01
C LEU B 295 -5.20 1.82 -42.28
N LYS B 296 -6.42 1.42 -42.64
CA LYS B 296 -6.79 -0.01 -42.72
C LYS B 296 -5.76 -0.81 -43.52
N GLN B 297 -5.40 -0.34 -44.71
CA GLN B 297 -4.43 -1.06 -45.53
C GLN B 297 -3.10 -1.22 -44.82
N GLU B 298 -2.59 -0.15 -44.21
CA GLU B 298 -1.35 -0.27 -43.45
C GLU B 298 -1.51 -1.15 -42.23
N ILE B 299 -2.68 -1.14 -41.56
CA ILE B 299 -2.90 -2.01 -40.40
C ILE B 299 -2.77 -3.48 -40.82
N ILE B 300 -3.59 -3.91 -41.79
CA ILE B 300 -3.67 -5.31 -42.17
C ILE B 300 -2.42 -5.78 -42.89
N ALA B 301 -1.54 -4.86 -43.28
CA ALA B 301 -0.28 -5.23 -43.88
C ALA B 301 0.74 -5.69 -42.84
N ARG B 302 0.54 -5.35 -41.58
CA ARG B 302 1.52 -5.71 -40.55
C ARG B 302 1.41 -7.19 -40.23
N PRO B 303 2.51 -7.82 -39.80
CA PRO B 303 2.43 -9.22 -39.39
C PRO B 303 1.43 -9.37 -38.26
N GLU B 304 0.81 -10.55 -38.21
CA GLU B 304 -0.19 -10.83 -37.18
C GLU B 304 0.37 -10.70 -35.77
N ASN B 305 1.60 -11.19 -35.53
CA ASN B 305 2.19 -11.04 -34.19
C ASN B 305 2.59 -9.54 -33.87
N ALA B 306 2.09 -8.58 -34.67
CA ALA B 306 2.39 -7.16 -34.55
C ALA B 306 1.10 -6.34 -34.67
N ARG B 307 0.02 -6.81 -34.06
CA ARG B 307 -1.27 -6.15 -34.24
C ARG B 307 -1.27 -4.76 -33.58
N LEU B 308 -2.06 -3.87 -34.16
CA LEU B 308 -2.24 -2.53 -33.60
C LEU B 308 -3.36 -2.62 -32.58
N VAL B 309 -3.11 -2.11 -31.37
CA VAL B 309 -4.08 -2.17 -30.29
C VAL B 309 -4.53 -0.76 -29.94
N ILE B 310 -5.85 -0.57 -29.96
CA ILE B 310 -6.48 0.70 -29.68
C ILE B 310 -6.78 0.77 -28.19
N ARG B 311 -6.36 1.86 -27.54
CA ARG B 311 -6.62 2.04 -26.12
C ARG B 311 -7.44 3.31 -25.87
N PRO B 312 -8.74 3.17 -25.58
CA PRO B 312 -9.48 4.32 -25.02
C PRO B 312 -9.07 4.56 -23.58
N ASP B 313 -9.22 5.80 -23.12
CA ASP B 313 -8.86 6.12 -21.75
C ASP B 313 -9.85 7.10 -21.11
N SER B 314 -11.09 7.12 -21.59
CA SER B 314 -12.07 8.08 -21.08
C SER B 314 -13.45 7.68 -21.59
N GLY B 315 -14.48 8.20 -20.91
CA GLY B 315 -15.84 7.78 -21.17
C GLY B 315 -16.26 6.65 -20.26
N ASN B 316 -17.55 6.34 -20.29
CA ASN B 316 -18.07 5.25 -19.49
C ASN B 316 -17.51 3.91 -19.96
N PHE B 317 -17.03 3.10 -19.02
CA PHE B 317 -16.37 1.85 -19.36
C PHE B 317 -17.24 0.99 -20.26
N PHE B 318 -18.53 0.88 -19.94
CA PHE B 318 -19.40 -0.01 -20.69
C PHE B 318 -19.76 0.58 -22.06
N ALA B 319 -20.07 1.88 -22.09
CA ALA B 319 -20.53 2.48 -23.35
C ALA B 319 -19.41 2.53 -24.38
N ILE B 320 -18.19 2.85 -23.94
CA ILE B 320 -17.07 2.93 -24.89
C ILE B 320 -16.84 1.58 -25.57
N ILE B 321 -16.83 0.50 -24.80
CA ILE B 321 -16.49 -0.78 -25.42
C ILE B 321 -17.71 -1.43 -26.05
N CYS B 322 -18.87 -1.40 -25.36
CA CYS B 322 -20.04 -2.14 -25.80
C CYS B 322 -21.11 -1.28 -26.48
N GLY B 323 -21.06 0.02 -26.32
CA GLY B 323 -22.02 0.87 -27.02
C GLY B 323 -23.15 1.34 -26.13
N ASP B 324 -23.73 2.49 -26.48
CA ASP B 324 -24.79 3.13 -25.73
C ASP B 324 -26.06 3.23 -26.55
N PRO B 325 -27.14 2.58 -26.16
CA PRO B 325 -28.44 2.72 -26.87
C PRO B 325 -28.86 4.18 -26.98
N THR B 326 -28.71 4.93 -25.87
CA THR B 326 -28.83 6.39 -25.93
C THR B 326 -27.79 6.88 -26.94
N ALA B 327 -28.27 7.52 -27.98
CA ALA B 327 -27.46 7.67 -29.17
C ALA B 327 -26.81 9.02 -29.40
N ASP B 328 -27.34 9.64 -30.46
CA ASP B 328 -26.94 10.83 -31.19
C ASP B 328 -26.11 10.37 -32.38
N THR B 329 -25.26 9.36 -32.19
CA THR B 329 -24.45 8.82 -33.28
C THR B 329 -24.45 7.29 -33.20
N GLU B 330 -24.38 6.64 -34.37
CA GLU B 330 -24.38 5.18 -34.35
C GLU B 330 -23.06 4.65 -33.84
N HIS B 331 -21.95 5.34 -34.15
CA HIS B 331 -20.66 4.88 -33.67
C HIS B 331 -20.66 4.82 -32.15
N GLU B 332 -21.29 5.80 -31.49
CA GLU B 332 -21.41 5.75 -30.03
C GLU B 332 -22.39 4.67 -29.59
N ARG B 333 -23.41 4.35 -30.39
CA ARG B 333 -24.32 3.27 -30.03
C ARG B 333 -23.69 1.89 -30.22
N LYS B 334 -22.75 1.77 -31.15
CA LYS B 334 -22.14 0.47 -31.40
C LYS B 334 -21.00 0.17 -30.44
N GLY B 335 -20.21 1.17 -30.07
CA GLY B 335 -19.06 0.98 -29.21
C GLY B 335 -17.83 0.57 -30.00
N LEU B 336 -16.70 0.56 -29.29
CA LEU B 336 -15.41 0.28 -29.93
C LEU B 336 -15.37 -1.06 -30.65
N ILE B 337 -15.84 -2.13 -30.01
CA ILE B 337 -15.63 -3.45 -30.59
C ILE B 337 -16.45 -3.64 -31.86
N GLU B 338 -17.73 -3.23 -31.83
CA GLU B 338 -18.52 -3.33 -33.05
C GLU B 338 -17.96 -2.44 -34.14
N CYS B 339 -17.42 -1.26 -33.79
CA CYS B 339 -16.84 -0.37 -34.79
C CYS B 339 -15.62 -0.98 -35.45
N LEU B 340 -14.72 -1.58 -34.66
CA LEU B 340 -13.59 -2.28 -35.25
C LEU B 340 -14.06 -3.42 -36.14
N TRP B 341 -15.14 -4.09 -35.74
CA TRP B 341 -15.70 -5.16 -36.57
C TRP B 341 -16.18 -4.61 -37.90
N ASP B 342 -16.93 -3.51 -37.87
CA ASP B 342 -17.37 -2.89 -39.11
C ASP B 342 -16.18 -2.52 -39.99
N ILE B 343 -15.11 -1.98 -39.39
CA ILE B 343 -14.01 -1.45 -40.19
C ILE B 343 -13.14 -2.58 -40.74
N PHE B 344 -12.67 -3.46 -39.86
CA PHE B 344 -11.73 -4.49 -40.24
C PHE B 344 -12.47 -5.80 -40.45
N GLY B 345 -11.72 -6.83 -40.75
CA GLY B 345 -12.42 -8.08 -40.97
C GLY B 345 -13.06 -8.71 -39.75
N GLY B 346 -13.29 -10.00 -39.88
CA GLY B 346 -13.59 -10.86 -38.76
C GLY B 346 -14.12 -12.19 -39.24
N THR B 347 -14.17 -13.14 -38.31
CA THR B 347 -14.73 -14.44 -38.55
C THR B 347 -15.75 -14.74 -37.45
N VAL B 348 -16.46 -15.86 -37.61
CA VAL B 348 -17.35 -16.39 -36.59
C VAL B 348 -16.84 -17.75 -36.19
N ASN B 349 -16.67 -17.99 -34.90
CA ASN B 349 -16.04 -19.22 -34.45
C ASN B 349 -17.07 -20.34 -34.35
N GLN B 350 -16.59 -21.54 -34.03
CA GLN B 350 -17.45 -22.69 -33.87
C GLN B 350 -18.57 -22.43 -32.88
N LYS B 351 -18.29 -21.67 -31.82
CA LYS B 351 -19.28 -21.35 -30.82
C LYS B 351 -20.27 -20.29 -31.29
N GLY B 352 -20.04 -19.68 -32.46
CA GLY B 352 -20.97 -18.74 -33.03
C GLY B 352 -20.80 -17.26 -32.68
N TYR B 353 -19.66 -16.84 -32.13
CA TYR B 353 -19.40 -15.45 -31.76
C TYR B 353 -18.40 -14.81 -32.72
N LYS B 354 -18.58 -13.50 -33.02
CA LYS B 354 -17.65 -12.78 -33.92
C LYS B 354 -16.29 -12.59 -33.30
N VAL B 355 -15.24 -12.88 -34.06
CA VAL B 355 -13.85 -12.63 -33.66
C VAL B 355 -13.28 -11.57 -34.60
N ILE B 356 -12.83 -10.45 -34.04
CA ILE B 356 -12.29 -9.37 -34.85
C ILE B 356 -11.05 -9.83 -35.63
N ASN B 357 -10.86 -9.26 -36.82
CA ASN B 357 -9.64 -9.36 -37.60
C ASN B 357 -8.44 -9.27 -36.66
N PRO B 358 -7.57 -10.28 -36.61
CA PRO B 358 -6.51 -10.29 -35.60
C PRO B 358 -5.38 -9.29 -35.87
N HIS B 359 -5.55 -8.42 -36.86
CA HIS B 359 -4.60 -7.34 -37.11
C HIS B 359 -4.86 -6.11 -36.24
N ILE B 360 -6.04 -6.03 -35.64
CA ILE B 360 -6.43 -4.93 -34.79
C ILE B 360 -6.90 -5.52 -33.46
N GLY B 361 -6.77 -4.75 -32.38
CA GLY B 361 -7.11 -5.18 -31.05
C GLY B 361 -7.53 -3.98 -30.21
N ALA B 362 -7.98 -4.25 -28.99
CA ALA B 362 -8.44 -3.17 -28.14
C ALA B 362 -8.16 -3.45 -26.66
N ILE B 363 -7.70 -2.43 -25.94
CA ILE B 363 -7.43 -2.58 -24.52
C ILE B 363 -8.13 -1.45 -23.75
N TYR B 364 -8.83 -1.81 -22.67
CA TYR B 364 -9.45 -0.86 -21.77
C TYR B 364 -8.73 -0.94 -20.43
N GLY B 365 -8.13 0.16 -20.00
CA GLY B 365 -7.37 0.11 -18.76
C GLY B 365 -7.55 1.34 -17.90
N ASP B 366 -8.79 1.76 -17.71
CA ASP B 366 -9.15 3.04 -17.07
C ASP B 366 -9.99 2.71 -15.86
N GLY B 367 -9.34 2.55 -14.71
CA GLY B 367 -10.03 2.19 -13.48
C GLY B 367 -10.70 0.84 -13.50
N VAL B 368 -10.07 -0.17 -14.12
CA VAL B 368 -10.71 -1.47 -14.26
C VAL B 368 -10.83 -2.14 -12.90
N THR B 369 -12.02 -2.66 -12.61
CA THR B 369 -12.31 -3.48 -11.44
C THR B 369 -12.95 -4.77 -11.93
N TYR B 370 -13.08 -5.73 -11.00
CA TYR B 370 -13.62 -7.03 -11.34
C TYR B 370 -15.03 -6.92 -11.94
N GLU B 371 -15.91 -6.12 -11.32
CA GLU B 371 -17.28 -6.05 -11.84
C GLU B 371 -17.35 -5.27 -13.15
N LYS B 372 -16.45 -4.30 -13.35
CA LYS B 372 -16.42 -3.63 -14.63
C LYS B 372 -15.97 -4.61 -15.72
N MET B 373 -14.90 -5.37 -15.46
CA MET B 373 -14.46 -6.40 -16.39
C MET B 373 -15.59 -7.37 -16.72
N PHE B 374 -16.31 -7.83 -15.69
CA PHE B 374 -17.37 -8.81 -15.90
C PHE B 374 -18.51 -8.22 -16.74
N LYS B 375 -18.95 -6.99 -16.40
CA LYS B 375 -20.01 -6.34 -17.17
C LYS B 375 -19.63 -6.19 -18.64
N ILE B 376 -18.39 -5.77 -18.92
CA ILE B 376 -17.94 -5.56 -20.29
C ILE B 376 -18.00 -6.88 -21.07
N LEU B 377 -17.58 -7.98 -20.44
CA LEU B 377 -17.63 -9.26 -21.14
C LEU B 377 -19.07 -9.70 -21.34
N GLU B 378 -19.92 -9.49 -20.33
CA GLU B 378 -21.34 -9.71 -20.50
C GLU B 378 -21.91 -8.85 -21.62
N GLY B 379 -21.46 -7.59 -21.71
CA GLY B 379 -21.90 -6.76 -22.81
C GLY B 379 -21.56 -7.35 -24.17
N LEU B 380 -20.29 -7.76 -24.33
CA LEU B 380 -19.83 -8.25 -25.63
C LEU B 380 -20.52 -9.56 -25.98
N GLN B 381 -20.71 -10.45 -25.00
CA GLN B 381 -21.38 -11.71 -25.27
C GLN B 381 -22.81 -11.48 -25.76
N ALA B 382 -23.49 -10.47 -25.21
CA ALA B 382 -24.85 -10.16 -25.63
C ALA B 382 -24.90 -9.66 -27.07
N LYS B 383 -23.91 -8.88 -27.50
CA LYS B 383 -23.88 -8.46 -28.89
C LYS B 383 -23.33 -9.53 -29.83
N GLY B 384 -23.01 -10.72 -29.31
CA GLY B 384 -22.44 -11.78 -30.11
C GLY B 384 -20.96 -11.66 -30.41
N PHE B 385 -20.18 -11.04 -29.53
CA PHE B 385 -18.74 -10.88 -29.71
C PHE B 385 -18.00 -11.78 -28.74
N ALA B 386 -17.01 -12.52 -29.26
CA ALA B 386 -16.19 -13.40 -28.42
C ALA B 386 -15.46 -12.59 -27.34
N SER B 387 -15.31 -13.19 -26.16
CA SER B 387 -14.67 -12.46 -25.07
C SER B 387 -13.18 -12.20 -25.33
N SER B 388 -12.58 -12.89 -26.30
CA SER B 388 -11.18 -12.66 -26.61
C SER B 388 -10.93 -11.33 -27.31
N ASN B 389 -11.97 -10.59 -27.69
CA ASN B 389 -11.81 -9.37 -28.46
C ASN B 389 -11.29 -8.18 -27.64
N ILE B 390 -11.34 -8.26 -26.31
CA ILE B 390 -10.96 -7.14 -25.44
C ILE B 390 -9.83 -7.58 -24.52
N VAL B 391 -8.86 -6.69 -24.29
CA VAL B 391 -7.86 -6.85 -23.24
C VAL B 391 -8.13 -5.84 -22.14
N PHE B 392 -7.92 -6.23 -20.88
CA PHE B 392 -8.12 -5.36 -19.73
C PHE B 392 -6.78 -5.00 -19.10
N GLY B 393 -6.45 -3.71 -19.12
CA GLY B 393 -5.35 -3.20 -18.34
C GLY B 393 -5.84 -2.99 -16.92
N VAL B 394 -5.33 -3.77 -15.97
CA VAL B 394 -5.86 -3.80 -14.62
C VAL B 394 -4.93 -3.00 -13.70
N GLY B 395 -5.45 -1.94 -13.10
CA GLY B 395 -4.64 -1.00 -12.38
C GLY B 395 -4.86 -0.95 -10.87
N ALA B 396 -4.64 0.24 -10.29
CA ALA B 396 -4.66 0.40 -8.85
C ALA B 396 -6.06 0.30 -8.27
N GLN B 397 -7.08 0.63 -9.05
CA GLN B 397 -8.43 0.45 -8.55
C GLN B 397 -8.77 -1.01 -8.33
N THR B 398 -7.92 -1.93 -8.76
CA THR B 398 -8.04 -3.35 -8.42
C THR B 398 -7.02 -3.78 -7.37
N TYR B 399 -5.76 -3.39 -7.53
CA TYR B 399 -4.73 -3.94 -6.67
C TYR B 399 -4.36 -3.04 -5.51
N GLN B 400 -4.55 -1.72 -5.61
CA GLN B 400 -4.36 -0.88 -4.44
C GLN B 400 -5.60 -0.78 -3.56
N ARG B 401 -6.79 -0.77 -4.16
CA ARG B 401 -7.99 -0.50 -3.38
C ARG B 401 -8.45 -1.78 -2.65
N ASN B 402 -7.62 -2.17 -1.67
CA ASN B 402 -7.87 -3.29 -0.76
C ASN B 402 -7.35 -2.93 0.63
N THR B 403 -7.82 -3.68 1.64
CA THR B 403 -7.22 -3.70 2.98
C THR B 403 -7.09 -5.16 3.42
N ARG B 404 -6.41 -5.33 4.55
CA ARG B 404 -6.35 -6.62 5.26
C ARG B 404 -7.73 -7.20 5.48
N ASP B 405 -8.79 -6.39 5.42
CA ASP B 405 -10.15 -6.88 5.61
C ASP B 405 -10.82 -7.27 4.30
N THR B 406 -10.15 -7.09 3.16
CA THR B 406 -10.68 -7.62 1.90
C THR B 406 -10.89 -9.13 2.01
N LEU B 407 -9.87 -9.86 2.49
CA LEU B 407 -10.01 -11.26 2.82
C LEU B 407 -9.96 -11.55 4.32
N GLY B 408 -9.87 -10.52 5.16
CA GLY B 408 -9.90 -10.74 6.59
C GLY B 408 -8.70 -11.45 7.20
N PHE B 409 -7.50 -11.16 6.71
CA PHE B 409 -6.31 -11.79 7.28
C PHE B 409 -6.12 -11.39 8.73
N ALA B 410 -5.89 -12.39 9.58
CA ALA B 410 -5.55 -12.19 10.97
C ALA B 410 -4.54 -13.22 11.43
N LEU B 411 -3.55 -12.79 12.18
CA LEU B 411 -2.62 -13.69 12.84
C LEU B 411 -2.99 -13.72 14.31
N LYS B 412 -3.64 -14.80 14.75
CA LYS B 412 -4.06 -14.89 16.14
C LYS B 412 -3.44 -16.11 16.83
N ALA B 413 -3.09 -15.92 18.10
CA ALA B 413 -2.55 -17.03 18.89
C ALA B 413 -3.66 -17.97 19.29
N THR B 414 -3.43 -19.28 19.10
CA THR B 414 -4.45 -20.28 19.39
C THR B 414 -4.02 -21.33 20.40
N SER B 415 -2.75 -21.42 20.76
CA SER B 415 -2.33 -22.38 21.75
C SER B 415 -1.13 -21.84 22.50
N ILE B 416 -1.12 -22.02 23.82
CA ILE B 416 -0.01 -21.62 24.67
C ILE B 416 0.44 -22.78 25.54
N THR B 417 1.73 -22.85 25.80
CA THR B 417 2.35 -23.78 26.75
C THR B 417 2.90 -23.03 27.95
N ILE B 418 2.41 -23.39 29.15
CA ILE B 418 2.97 -22.82 30.40
C ILE B 418 3.34 -23.97 31.33
N ASN B 419 4.56 -23.98 31.85
CA ASN B 419 5.00 -25.02 32.81
C ASN B 419 4.69 -26.41 32.28
N GLY B 420 4.95 -26.65 31.01
CA GLY B 420 4.77 -28.00 30.46
C GLY B 420 3.35 -28.36 30.13
N GLU B 421 2.40 -27.44 30.27
CA GLU B 421 1.04 -27.80 29.85
C GLU B 421 0.62 -26.93 28.67
N GLU B 422 -0.05 -27.54 27.70
CA GLU B 422 -0.47 -26.79 26.50
C GLU B 422 -1.95 -26.52 26.59
N LYS B 423 -2.34 -25.28 26.38
CA LYS B 423 -3.76 -24.92 26.51
C LYS B 423 -4.20 -24.09 25.30
N ALA B 424 -5.37 -24.38 24.78
CA ALA B 424 -5.96 -23.60 23.69
C ALA B 424 -6.35 -22.19 24.17
N ILE B 425 -6.13 -21.20 23.29
CA ILE B 425 -6.40 -19.77 23.54
C ILE B 425 -7.48 -19.28 22.59
N PHE B 426 -8.33 -18.37 23.05
CA PHE B 426 -9.55 -17.95 22.33
C PHE B 426 -9.65 -16.42 22.24
N SER B 438 -13.62 -18.53 16.40
CA SER B 438 -13.02 -19.27 15.29
C SER B 438 -12.18 -20.44 15.82
N GLN B 439 -10.89 -20.49 15.46
CA GLN B 439 -10.02 -21.61 15.78
C GLN B 439 -9.52 -21.61 17.21
N LYS B 440 -9.13 -22.81 17.67
CA LYS B 440 -8.62 -23.04 19.01
C LYS B 440 -7.67 -24.23 19.01
N GLY B 441 -6.54 -24.10 19.72
CA GLY B 441 -5.52 -25.14 19.73
C GLY B 441 -4.65 -25.12 18.48
N ARG B 442 -3.97 -26.23 18.20
CA ARG B 442 -3.14 -26.33 17.01
C ARG B 442 -3.98 -26.81 15.83
N VAL B 443 -3.54 -26.47 14.61
CA VAL B 443 -4.35 -26.74 13.43
C VAL B 443 -3.67 -27.74 12.49
N LYS B 444 -4.50 -28.46 11.76
CA LYS B 444 -4.08 -29.32 10.66
C LYS B 444 -5.04 -29.10 9.50
N VAL B 445 -4.49 -28.88 8.30
CA VAL B 445 -5.29 -28.72 7.08
C VAL B 445 -5.38 -30.07 6.37
N LEU B 446 -6.61 -30.57 6.20
CA LEU B 446 -6.87 -31.86 5.57
C LEU B 446 -7.09 -31.74 4.07
N SER B 447 -7.76 -30.68 3.62
CA SER B 447 -7.96 -30.45 2.20
C SER B 447 -8.01 -28.94 1.98
N ARG B 448 -8.06 -28.54 0.69
CA ARG B 448 -8.58 -27.22 0.33
C ARG B 448 -9.62 -26.54 1.24
N ASP B 449 -10.71 -27.22 1.62
CA ASP B 449 -11.80 -26.56 2.35
C ASP B 449 -12.02 -27.12 3.75
N THR B 450 -11.11 -27.93 4.28
CA THR B 450 -11.35 -28.40 5.64
C THR B 450 -10.04 -28.43 6.41
N TYR B 451 -10.16 -28.13 7.70
CA TYR B 451 -9.06 -28.20 8.63
C TYR B 451 -9.64 -28.69 9.94
N VAL B 452 -8.75 -29.07 10.85
CA VAL B 452 -9.14 -29.49 12.18
C VAL B 452 -8.23 -28.78 13.17
N ASP B 453 -8.79 -28.47 14.33
CA ASP B 453 -8.05 -27.77 15.37
C ASP B 453 -8.26 -28.51 16.69
N GLY B 454 -7.91 -27.86 17.79
CA GLY B 454 -7.96 -28.50 19.10
C GLY B 454 -6.87 -29.52 19.30
N LEU B 455 -5.75 -29.34 18.62
CA LEU B 455 -4.69 -30.34 18.60
C LEU B 455 -3.62 -29.92 19.60
N THR B 456 -2.82 -30.89 20.00
CA THR B 456 -1.63 -30.64 20.79
C THR B 456 -0.40 -30.90 19.93
N SER B 457 0.77 -30.57 20.47
CA SER B 457 1.98 -30.85 19.73
C SER B 457 2.29 -32.34 19.68
N ALA B 458 1.61 -33.16 20.49
CA ALA B 458 1.80 -34.59 20.46
C ALA B 458 0.97 -35.26 19.38
N ASP B 459 -0.02 -34.57 18.83
CA ASP B 459 -0.89 -35.18 17.83
C ASP B 459 -0.13 -35.41 16.52
N ASP B 460 -0.79 -36.10 15.59
CA ASP B 460 -0.17 -36.55 14.35
C ASP B 460 -0.47 -35.59 13.20
N PHE B 461 0.58 -34.95 12.69
CA PHE B 461 0.47 -33.98 11.61
C PHE B 461 0.92 -34.56 10.27
N SER B 462 1.11 -35.88 10.22
CA SER B 462 1.54 -36.61 9.02
C SER B 462 0.77 -36.24 7.75
N ASP B 463 -0.56 -36.12 7.82
CA ASP B 463 -1.36 -35.78 6.66
C ASP B 463 -1.66 -34.27 6.51
N ASP B 464 -0.82 -33.41 7.09
CA ASP B 464 -1.03 -31.96 7.05
C ASP B 464 -0.73 -31.36 5.67
N LEU B 465 -1.68 -30.60 5.14
CA LEU B 465 -1.41 -29.81 3.94
C LEU B 465 -0.46 -28.63 4.20
N LEU B 466 -0.42 -28.12 5.43
CA LEU B 466 0.59 -27.13 5.79
C LEU B 466 1.97 -27.79 5.84
N GLU B 467 2.90 -27.23 5.10
CA GLU B 467 4.22 -27.83 4.96
C GLU B 467 5.26 -27.02 5.71
N LEU B 468 6.07 -27.71 6.49
CA LEU B 468 7.18 -27.08 7.17
C LEU B 468 7.95 -26.23 6.17
N LEU B 469 8.28 -25.01 6.58
CA LEU B 469 8.83 -24.06 5.62
C LEU B 469 10.15 -23.46 6.11
N PHE B 470 10.17 -23.03 7.36
CA PHE B 470 11.29 -22.32 7.94
C PHE B 470 11.42 -22.77 9.38
N GLU B 471 12.67 -22.95 9.83
CA GLU B 471 12.90 -23.26 11.23
C GLU B 471 14.31 -22.83 11.59
N ASP B 472 14.45 -22.15 12.73
CA ASP B 472 15.72 -21.82 13.36
C ASP B 472 16.73 -21.20 12.39
N GLY B 473 16.26 -20.19 11.64
CA GLY B 473 17.09 -19.42 10.74
C GLY B 473 17.24 -19.98 9.33
N LYS B 474 16.77 -21.22 9.07
CA LYS B 474 17.00 -21.93 7.80
C LYS B 474 15.73 -21.97 6.97
N LEU B 475 15.84 -21.66 5.68
CA LEU B 475 14.78 -21.99 4.73
C LEU B 475 14.83 -23.49 4.45
N LEU B 476 13.81 -24.22 4.87
CA LEU B 476 13.78 -25.67 4.80
C LEU B 476 13.23 -26.22 3.49
N ARG B 477 12.54 -25.40 2.72
CA ARG B 477 11.85 -25.87 1.51
C ARG B 477 11.72 -24.70 0.57
N GLN B 478 12.25 -24.84 -0.63
CA GLN B 478 12.35 -23.74 -1.58
C GLN B 478 11.58 -24.08 -2.85
N THR B 479 10.87 -23.10 -3.39
CA THR B 479 10.08 -23.24 -4.62
C THR B 479 10.52 -22.20 -5.64
N ASP B 480 10.07 -22.36 -6.87
CA ASP B 480 10.28 -21.35 -7.90
C ASP B 480 8.95 -21.04 -8.55
N PHE B 481 8.97 -20.03 -9.42
CA PHE B 481 7.72 -19.49 -9.92
C PHE B 481 7.07 -20.46 -10.91
N ASP B 482 7.88 -21.37 -11.50
CA ASP B 482 7.35 -22.40 -12.39
C ASP B 482 6.47 -23.39 -11.61
N GLU B 483 6.95 -23.83 -10.44
CA GLU B 483 6.14 -24.66 -9.54
C GLU B 483 4.88 -23.95 -9.06
N ILE B 484 5.01 -22.66 -8.69
CA ILE B 484 3.86 -21.89 -8.21
C ILE B 484 2.78 -21.85 -9.28
N ARG B 485 3.17 -21.59 -10.54
CA ARG B 485 2.19 -21.49 -11.62
C ARG B 485 1.58 -22.85 -11.95
N GLN B 486 2.39 -23.91 -11.94
CA GLN B 486 1.85 -25.26 -12.14
C GLN B 486 0.86 -25.61 -11.04
N ASN B 487 1.20 -25.27 -9.79
CA ASN B 487 0.30 -25.58 -8.68
C ASN B 487 -1.06 -24.94 -8.90
N LEU B 488 -1.09 -23.78 -9.54
CA LEU B 488 -2.34 -23.07 -9.73
C LEU B 488 -3.16 -23.68 -10.85
N LEU B 489 -2.49 -24.21 -11.87
CA LEU B 489 -3.21 -24.92 -12.92
C LEU B 489 -3.93 -26.12 -12.35
N VAL B 490 -3.23 -26.90 -11.52
CA VAL B 490 -3.83 -28.06 -10.86
C VAL B 490 -4.97 -27.63 -9.95
N SER B 491 -4.83 -26.46 -9.30
CA SER B 491 -5.87 -25.97 -8.40
C SER B 491 -7.20 -25.85 -9.11
N ARG B 492 -7.19 -25.40 -10.37
CA ARG B 492 -8.39 -25.43 -11.20
C ARG B 492 -8.70 -26.89 -11.48
#